data_4IRK
#
_entry.id   4IRK
#
_cell.length_a   86.650
_cell.length_b   57.080
_cell.length_c   110.230
_cell.angle_alpha   90.00
_cell.angle_beta   94.92
_cell.angle_gamma   90.00
#
_symmetry.space_group_name_H-M   'P 1 21 1'
#
loop_
_entity.id
_entity.type
_entity.pdbx_description
1 polymer 'DNA polymerase IV'
2 polymer "DNA (5'-D(*TP*CP*TP*AP*GP*GP*GP*TP*CP*CP*TP*AP*GP*GP*AP*CP*CP*C)-3')"
3 polymer "DNA (5'-D(*CP*TP*A*GP*GP*GP*TP*CP*CP*TP*AP*GP*GP*AP*CP*CP*(DOC))-3')"
4 non-polymer "2'-DEOXYCYTIDINE-5'-TRIPHOSPHATE"
5 non-polymer 'MAGNESIUM ION'
6 water water
#
loop_
_entity_poly.entity_id
_entity_poly.type
_entity_poly.pdbx_seq_one_letter_code
_entity_poly.pdbx_strand_id
1 'polypeptide(L)'
;GSRKIIHVDMDCFFAAVEMRDNPALRDIPIAIGGSRERRGVISTANYPARKFGVRSAMPTGMALALCPHLTLLPGRFDAY
KEASNHIREIFSRYTSRIEPLSLDEAYLDVTDSVHCHGSATLIAQEIRQTIFNELQLTASAGVAPVKFLAKIASDMNKPN
GQFVITPAEVPAFLQTLPLAKIPGVGKVSAAKLEAMGLRTCGDVQACDLVMLLKRFGKFGRILWERSQGIDERDVNSERL
RKSVGVERTMAEDIHHWSECEAIIERLYPELERRLAKVKPDLLIARQGVKLKFDDFQQTTQEHVWPRLNKADLIATARKT
WDERRGGRGVRLVGLHVTLLDP
;
B,A
2 'polydeoxyribonucleotide' (DT)(DC)(DT)(DA)(DG)(DG)(DG)(DT)(DC)(DC)(DT)(DA)(DG)(DG)(DA)(DC)(DC)(DC) C,F
3 'polydeoxyribonucleotide' (DC)(DT)(DA)(DG)(DG)(DG)(DT)(DC)(DC)(DT)(DA)(DG)(DG)(DA)(DC)(DC)(DOC) G,H
#
# COMPACT_ATOMS: atom_id res chain seq x y z
N GLY A 1 41.96 38.60 -1.57
CA GLY A 1 41.52 37.31 -2.28
C GLY A 1 40.29 36.69 -1.63
N SER A 2 39.59 37.49 -0.82
CA SER A 2 38.34 37.01 -0.22
C SER A 2 37.27 36.79 -1.29
N ARG A 3 36.25 36.07 -0.89
CA ARG A 3 35.03 36.03 -1.66
C ARG A 3 34.08 36.95 -0.91
N LYS A 4 32.93 37.25 -1.48
CA LYS A 4 31.85 37.85 -0.69
C LYS A 4 30.61 36.98 -0.80
N ILE A 5 30.22 36.37 0.33
CA ILE A 5 29.08 35.40 0.38
C ILE A 5 27.94 35.99 1.18
N ILE A 6 26.75 35.89 0.65
CA ILE A 6 25.62 36.28 1.44
C ILE A 6 24.78 35.03 1.67
N HIS A 7 24.32 34.80 2.90
CA HIS A 7 23.33 33.75 3.12
C HIS A 7 22.02 34.50 3.39
N VAL A 8 20.99 34.27 2.57
CA VAL A 8 19.68 34.91 2.80
C VAL A 8 18.75 33.87 3.44
N ASP A 9 18.05 34.29 4.48
CA ASP A 9 17.23 33.39 5.28
C ASP A 9 15.85 34.01 5.52
N MET A 10 14.81 33.41 4.96
CA MET A 10 13.45 33.82 5.25
C MET A 10 13.04 33.62 6.70
N ASP A 11 12.47 34.65 7.31
CA ASP A 11 12.00 34.58 8.65
C ASP A 11 10.72 33.71 8.77
N CYS A 12 10.77 32.66 9.62
CA CYS A 12 9.59 31.78 9.94
C CYS A 12 8.78 31.49 8.70
N PHE A 13 9.43 30.92 7.72
CA PHE A 13 8.95 31.04 6.36
C PHE A 13 7.51 30.59 6.15
N PHE A 14 7.14 29.42 6.65
CA PHE A 14 5.80 28.89 6.34
C PHE A 14 4.73 29.66 7.13
N ALA A 15 5.07 29.99 8.37
CA ALA A 15 4.19 30.76 9.26
C ALA A 15 4.00 32.19 8.75
N ALA A 16 5.07 32.74 8.22
CA ALA A 16 5.05 34.08 7.67
C ALA A 16 4.10 34.09 6.50
N VAL A 17 4.20 33.12 5.58
CA VAL A 17 3.31 33.09 4.43
C VAL A 17 1.90 33.00 4.94
N GLU A 18 1.64 32.11 5.88
CA GLU A 18 0.28 32.03 6.46
C GLU A 18 -0.16 33.37 7.12
N MET A 19 0.73 34.05 7.83
CA MET A 19 0.32 35.31 8.44
C MET A 19 -0.03 36.35 7.38
N ARG A 20 0.79 36.43 6.34
CA ARG A 20 0.55 37.33 5.21
C ARG A 20 -0.81 37.10 4.60
N ASP A 21 -1.13 35.83 4.35
CA ASP A 21 -2.38 35.46 3.67
C ASP A 21 -3.61 35.57 4.57
N ASN A 22 -3.41 35.56 5.88
CA ASN A 22 -4.50 35.62 6.84
C ASN A 22 -4.05 36.36 8.09
N PRO A 23 -4.32 37.68 8.15
CA PRO A 23 -3.84 38.60 9.19
C PRO A 23 -4.37 38.34 10.60
N ALA A 24 -5.53 37.69 10.73
CA ALA A 24 -6.02 37.20 12.03
C ALA A 24 -4.97 36.33 12.77
N LEU A 25 -4.04 35.72 12.03
CA LEU A 25 -3.12 34.79 12.66
C LEU A 25 -1.83 35.48 13.16
N ARG A 26 -1.71 36.79 12.96
CA ARG A 26 -0.49 37.55 13.27
C ARG A 26 -0.05 37.52 14.73
N ASP A 27 -0.98 37.83 15.65
CA ASP A 27 -0.63 38.05 17.06
C ASP A 27 -0.79 36.80 17.94
N ILE A 28 -1.24 35.73 17.32
CA ILE A 28 -1.49 34.49 18.02
C ILE A 28 -0.41 33.40 17.74
N PRO A 29 -0.21 32.46 18.69
CA PRO A 29 0.71 31.33 18.46
C PRO A 29 0.20 30.30 17.40
N ILE A 30 0.93 30.20 16.28
CA ILE A 30 0.60 29.26 15.21
C ILE A 30 1.80 28.45 14.83
N ALA A 31 1.55 27.32 14.15
CA ALA A 31 2.59 26.43 13.76
C ALA A 31 2.12 25.67 12.55
N ILE A 32 3.04 25.42 11.62
CA ILE A 32 2.72 24.49 10.53
C ILE A 32 3.38 23.20 10.93
N GLY A 33 2.58 22.12 10.94
CA GLY A 33 3.02 20.77 11.32
C GLY A 33 1.83 19.82 11.28
N GLY A 34 2.06 18.53 11.50
CA GLY A 34 0.99 17.53 11.48
C GLY A 34 0.39 17.36 12.87
N SER A 35 -0.90 17.01 12.92
CA SER A 35 -1.63 16.83 14.15
C SER A 35 -0.96 15.81 15.08
N ARG A 36 -1.33 15.83 16.36
CA ARG A 36 -0.87 14.81 17.27
C ARG A 36 -1.34 13.41 16.85
N GLU A 37 -2.54 13.31 16.31
CA GLU A 37 -3.14 12.00 15.93
C GLU A 37 -2.40 11.42 14.74
N ARG A 38 -1.88 12.30 13.89
CA ARG A 38 -1.09 11.93 12.71
C ARG A 38 0.37 11.67 13.07
N ARG A 39 0.67 11.77 14.35
CA ARG A 39 2.00 11.52 14.87
C ARG A 39 2.98 12.52 14.19
N GLY A 40 2.56 13.79 14.14
CA GLY A 40 3.23 14.83 13.41
C GLY A 40 4.26 15.57 14.24
N VAL A 41 4.98 16.45 13.54
CA VAL A 41 5.97 17.32 14.15
C VAL A 41 5.82 18.71 13.51
N ILE A 42 6.30 19.70 14.26
CA ILE A 42 6.25 21.09 13.88
C ILE A 42 7.28 21.38 12.76
N SER A 43 6.86 21.95 11.63
CA SER A 43 7.86 22.33 10.59
C SER A 43 8.49 23.65 10.99
N THR A 44 7.62 24.51 11.52
CA THR A 44 7.93 25.88 11.82
C THR A 44 6.78 26.54 12.60
N ALA A 45 7.15 27.63 13.28
CA ALA A 45 6.26 28.32 14.21
C ALA A 45 6.54 29.80 14.09
N ASN A 46 5.56 30.65 14.34
CA ASN A 46 5.82 32.09 14.43
C ASN A 46 6.28 32.51 15.85
N TYR A 47 6.65 33.79 15.96
CA TYR A 47 7.23 34.31 17.18
C TYR A 47 6.33 34.15 18.41
N PRO A 48 5.02 34.50 18.30
CA PRO A 48 4.13 34.24 19.45
C PRO A 48 4.22 32.79 19.90
N ALA A 49 4.40 31.84 18.98
CA ALA A 49 4.49 30.43 19.43
C ALA A 49 5.85 30.12 20.02
N ARG A 50 6.89 30.72 19.45
CA ARG A 50 8.28 30.45 19.87
C ARG A 50 8.54 30.90 21.30
N LYS A 51 7.78 31.91 21.72
CA LYS A 51 7.81 32.41 23.06
C LYS A 51 7.49 31.28 24.06
N PHE A 52 6.52 30.44 23.76
CA PHE A 52 6.25 29.25 24.61
C PHE A 52 7.36 28.15 24.56
N GLY A 53 8.36 28.33 23.68
CA GLY A 53 9.39 27.30 23.52
C GLY A 53 9.09 26.32 22.40
N VAL A 54 8.05 26.58 21.61
CA VAL A 54 7.72 25.76 20.45
C VAL A 54 8.78 25.93 19.36
N ARG A 55 9.22 24.80 18.82
CA ARG A 55 10.39 24.76 17.94
C ARG A 55 10.20 23.87 16.68
N SER A 56 10.86 24.19 15.56
CA SER A 56 10.97 23.27 14.44
C SER A 56 11.42 21.87 14.85
N ALA A 57 10.82 20.83 14.27
CA ALA A 57 11.26 19.43 14.52
C ALA A 57 10.71 18.90 15.84
N MET A 58 10.02 19.74 16.58
CA MET A 58 9.38 19.33 17.84
C MET A 58 8.11 18.50 17.58
N PRO A 59 8.00 17.33 18.24
CA PRO A 59 6.78 16.54 18.16
C PRO A 59 5.56 17.37 18.51
N THR A 60 4.54 17.38 17.65
CA THR A 60 3.39 18.24 17.87
C THR A 60 2.85 18.15 19.29
N GLY A 61 2.97 16.96 19.85
CA GLY A 61 2.51 16.68 21.19
C GLY A 61 3.21 17.53 22.21
N MET A 62 4.54 17.62 22.11
CA MET A 62 5.30 18.46 23.01
C MET A 62 4.91 19.92 22.82
N ALA A 63 4.53 20.28 21.61
CA ALA A 63 4.23 21.66 21.27
C ALA A 63 2.87 22.11 21.80
N LEU A 64 1.91 21.19 21.88
CA LEU A 64 0.62 21.53 22.51
C LEU A 64 0.71 21.55 24.04
N ALA A 65 1.67 20.80 24.58
CA ALA A 65 1.91 20.84 26.01
C ALA A 65 2.47 22.21 26.34
N LEU A 66 3.47 22.65 25.59
CA LEU A 66 4.16 23.92 25.90
C LEU A 66 3.31 25.15 25.62
N CYS A 67 2.47 25.01 24.61
CA CYS A 67 1.58 26.07 24.10
C CYS A 67 0.16 25.55 23.77
N PRO A 68 -0.70 25.33 24.81
CA PRO A 68 -2.05 24.77 24.67
C PRO A 68 -2.93 25.50 23.66
N HIS A 69 -2.75 26.79 23.53
CA HIS A 69 -3.61 27.56 22.67
C HIS A 69 -3.06 27.70 21.27
N LEU A 70 -2.14 26.80 20.90
CA LEU A 70 -1.44 26.90 19.63
C LEU A 70 -2.43 26.56 18.52
N THR A 71 -2.38 27.28 17.41
CA THR A 71 -3.17 26.93 16.26
C THR A 71 -2.26 26.20 15.28
N LEU A 72 -2.68 25.01 14.87
CA LEU A 72 -1.88 24.15 14.02
C LEU A 72 -2.36 24.23 12.59
N LEU A 73 -1.44 24.41 11.63
CA LEU A 73 -1.78 24.56 10.23
C LEU A 73 -1.19 23.41 9.41
N PRO A 74 -1.94 22.85 8.43
CA PRO A 74 -1.39 21.65 7.76
C PRO A 74 -0.37 22.06 6.72
N GLY A 75 -0.34 23.33 6.35
CA GLY A 75 0.60 23.80 5.36
C GLY A 75 0.11 23.76 3.91
N ARG A 76 0.53 24.75 3.11
CA ARG A 76 0.20 24.82 1.68
C ARG A 76 1.46 24.86 0.80
N PHE A 77 1.91 23.71 0.30
CA PHE A 77 3.18 23.64 -0.41
C PHE A 77 3.24 24.54 -1.65
N ASP A 78 2.12 24.63 -2.38
CA ASP A 78 2.06 25.46 -3.59
C ASP A 78 2.25 26.95 -3.32
N ALA A 79 1.81 27.40 -2.15
CA ALA A 79 1.96 28.79 -1.80
C ALA A 79 3.42 29.05 -1.39
N TYR A 80 4.01 28.12 -0.64
CA TYR A 80 5.38 28.28 -0.21
C TYR A 80 6.33 28.21 -1.39
N LYS A 81 6.00 27.36 -2.35
CA LYS A 81 6.82 27.04 -3.52
C LYS A 81 6.86 28.22 -4.48
N GLU A 82 5.67 28.74 -4.77
CA GLU A 82 5.52 29.94 -5.54
C GLU A 82 6.36 31.08 -4.92
N ALA A 83 6.29 31.24 -3.59
CA ALA A 83 7.06 32.33 -2.91
C ALA A 83 8.58 32.12 -3.03
N SER A 84 9.02 30.90 -2.81
CA SER A 84 10.38 30.50 -2.91
C SER A 84 10.94 30.68 -4.32
N ASN A 85 10.16 30.25 -5.32
CA ASN A 85 10.47 30.52 -6.73
C ASN A 85 10.76 31.99 -7.04
N HIS A 86 9.91 32.87 -6.49
CA HIS A 86 9.97 34.32 -6.73
C HIS A 86 11.23 34.90 -6.05
N ILE A 87 11.48 34.48 -4.80
CA ILE A 87 12.67 34.90 -4.07
C ILE A 87 13.99 34.62 -4.81
N ARG A 88 14.12 33.41 -5.29
CA ARG A 88 15.22 32.98 -6.18
C ARG A 88 15.31 33.77 -7.48
N GLU A 89 14.19 34.28 -8.00
CA GLU A 89 14.23 35.14 -9.22
C GLU A 89 14.79 36.52 -8.83
N ILE A 90 14.46 36.96 -7.63
CA ILE A 90 15.01 38.22 -7.14
C ILE A 90 16.53 38.13 -7.02
N PHE A 91 17.01 37.02 -6.42
CA PHE A 91 18.45 36.81 -6.28
C PHE A 91 19.14 36.87 -7.64
N SER A 92 18.42 36.40 -8.66
CA SER A 92 18.99 36.26 -9.96
C SER A 92 19.16 37.62 -10.59
N ARG A 93 18.41 38.61 -10.11
CA ARG A 93 18.64 39.97 -10.61
C ARG A 93 20.03 40.47 -10.21
N TYR A 94 20.54 39.97 -9.10
CA TYR A 94 21.83 40.46 -8.57
C TYR A 94 23.02 39.58 -8.96
N THR A 95 22.80 38.27 -9.05
CA THR A 95 23.87 37.34 -9.38
C THR A 95 23.33 36.01 -9.92
N SER A 96 24.18 35.33 -10.65
CA SER A 96 23.85 34.01 -11.17
C SER A 96 24.38 32.91 -10.23
N ARG A 97 25.35 33.29 -9.42
CA ARG A 97 25.93 32.38 -8.42
C ARG A 97 25.01 32.17 -7.21
N ILE A 98 23.98 31.33 -7.42
CA ILE A 98 22.96 31.10 -6.41
C ILE A 98 22.95 29.61 -6.06
N GLU A 99 23.11 29.30 -4.77
CA GLU A 99 22.95 27.95 -4.26
C GLU A 99 21.79 27.87 -3.24
N PRO A 100 20.56 27.49 -3.72
CA PRO A 100 19.41 27.24 -2.82
C PRO A 100 19.73 26.09 -1.84
N LEU A 101 19.34 26.24 -0.57
CA LEU A 101 19.61 25.24 0.46
C LEU A 101 18.34 24.57 0.88
N SER A 102 17.22 25.20 0.60
CA SER A 102 15.92 24.65 0.97
C SER A 102 14.98 25.64 0.35
N LEU A 103 13.71 25.54 0.63
CA LEU A 103 12.79 26.52 0.06
C LEU A 103 13.07 27.93 0.55
N ASP A 104 13.57 28.05 1.78
CA ASP A 104 13.70 29.38 2.46
C ASP A 104 15.11 30.00 2.61
N GLU A 105 16.12 29.35 2.05
CA GLU A 105 17.48 29.73 2.28
C GLU A 105 18.26 29.56 1.00
N ALA A 106 19.28 30.41 0.84
CA ALA A 106 20.17 30.36 -0.29
C ALA A 106 21.51 31.03 0.01
N TYR A 107 22.62 30.45 -0.47
CA TYR A 107 23.88 31.15 -0.51
C TYR A 107 23.99 31.93 -1.83
N LEU A 108 24.41 33.20 -1.78
CA LEU A 108 24.86 33.92 -2.98
C LEU A 108 26.35 34.17 -2.94
N ASP A 109 27.01 34.06 -4.10
CA ASP A 109 28.41 34.52 -4.27
C ASP A 109 28.38 35.81 -5.02
N VAL A 110 29.00 36.83 -4.47
CA VAL A 110 28.69 38.16 -4.93
C VAL A 110 30.01 38.90 -5.05
N THR A 111 31.09 38.11 -5.03
CA THR A 111 32.49 38.58 -5.15
C THR A 111 32.62 39.42 -6.41
N ASP A 112 32.19 38.81 -7.51
CA ASP A 112 31.99 39.53 -8.74
C ASP A 112 30.61 40.14 -8.63
N SER A 113 30.51 41.41 -8.98
CA SER A 113 29.25 42.07 -8.95
C SER A 113 29.50 43.54 -8.99
N VAL A 114 28.76 44.15 -9.88
CA VAL A 114 28.79 45.55 -10.09
C VAL A 114 27.46 46.12 -9.59
N HIS A 115 26.77 45.41 -8.69
CA HIS A 115 25.42 45.85 -8.35
C HIS A 115 25.32 47.02 -7.39
N CYS A 116 26.10 47.03 -6.34
CA CYS A 116 26.01 48.25 -5.50
C CYS A 116 27.39 48.74 -5.18
N HIS A 117 28.08 49.20 -6.22
CA HIS A 117 29.52 49.49 -6.18
C HIS A 117 30.23 48.36 -5.44
N GLY A 118 29.77 47.13 -5.69
CA GLY A 118 30.42 45.93 -5.23
C GLY A 118 30.24 45.75 -3.73
N SER A 119 29.41 46.59 -3.13
CA SER A 119 29.08 46.43 -1.69
C SER A 119 28.09 45.25 -1.37
N ALA A 120 28.63 44.22 -0.72
CA ALA A 120 27.84 43.08 -0.27
C ALA A 120 26.78 43.50 0.73
N THR A 121 27.16 44.38 1.64
CA THR A 121 26.23 44.92 2.61
C THR A 121 25.00 45.51 1.94
N LEU A 122 25.23 46.27 0.89
CA LEU A 122 24.18 47.04 0.27
C LEU A 122 23.35 46.12 -0.60
N ILE A 123 23.98 45.17 -1.29
CA ILE A 123 23.29 44.10 -2.06
C ILE A 123 22.36 43.28 -1.15
N ALA A 124 22.87 42.78 -0.03
CA ALA A 124 22.05 42.16 1.01
C ALA A 124 20.86 43.03 1.40
N GLN A 125 21.09 44.30 1.69
CA GLN A 125 19.96 45.11 2.20
C GLN A 125 18.93 45.33 1.09
N GLU A 126 19.44 45.31 -0.13
CA GLU A 126 18.57 45.60 -1.25
C GLU A 126 17.77 44.36 -1.62
N ILE A 127 18.26 43.18 -1.29
CA ILE A 127 17.56 41.99 -1.61
C ILE A 127 16.47 41.76 -0.55
N ARG A 128 16.81 42.01 0.71
CA ARG A 128 15.83 41.84 1.76
C ARG A 128 14.69 42.82 1.49
N GLN A 129 15.07 44.06 1.29
CA GLN A 129 14.16 45.06 0.77
C GLN A 129 13.99 44.57 -0.65
N THR A 130 12.83 44.81 -1.21
CA THR A 130 12.37 44.14 -2.43
C THR A 130 11.92 42.70 -2.26
N ILE A 131 12.50 41.88 -1.38
CA ILE A 131 11.73 40.66 -1.00
C ILE A 131 10.48 41.13 -0.24
N PHE A 132 10.66 42.11 0.65
CA PHE A 132 9.55 42.68 1.41
C PHE A 132 8.52 43.42 0.56
N ASN A 133 8.96 44.39 -0.24
CA ASN A 133 8.14 44.89 -1.37
C ASN A 133 8.04 43.65 -2.21
N GLU A 134 7.06 43.49 -3.06
CA GLU A 134 6.89 42.22 -3.86
C GLU A 134 6.22 41.04 -3.15
N LEU A 135 6.78 40.53 -2.04
CA LEU A 135 6.19 39.37 -1.38
C LEU A 135 5.58 39.64 -0.03
N GLN A 136 5.91 40.78 0.56
CA GLN A 136 5.40 41.16 1.91
C GLN A 136 5.93 40.18 3.01
N LEU A 137 7.09 39.62 2.73
CA LEU A 137 7.71 38.72 3.65
C LEU A 137 9.06 39.30 3.99
N THR A 138 9.52 39.06 5.21
CA THR A 138 10.83 39.53 5.62
C THR A 138 11.87 38.42 5.56
N ALA A 139 13.09 38.84 5.27
CA ALA A 139 14.27 37.98 5.30
C ALA A 139 15.35 38.56 6.22
N SER A 140 16.21 37.70 6.73
CA SER A 140 17.44 38.08 7.45
C SER A 140 18.65 37.70 6.58
N ALA A 141 19.78 38.41 6.74
CA ALA A 141 20.93 37.92 5.98
C ALA A 141 22.24 38.06 6.65
N GLY A 142 23.15 37.20 6.21
CA GLY A 142 24.51 37.23 6.71
C GLY A 142 25.45 37.50 5.55
N VAL A 143 26.50 38.30 5.77
CA VAL A 143 27.54 38.57 4.77
C VAL A 143 28.86 38.16 5.34
N ALA A 144 29.61 37.32 4.63
CA ALA A 144 30.93 36.92 5.18
C ALA A 144 31.90 36.48 4.08
N PRO A 145 33.19 36.34 4.42
CA PRO A 145 34.16 35.89 3.40
C PRO A 145 33.92 34.43 2.98
N VAL A 146 33.24 33.63 3.81
CA VAL A 146 33.04 32.22 3.52
C VAL A 146 31.62 31.79 3.86
N LYS A 147 31.22 30.61 3.36
CA LYS A 147 29.90 30.04 3.58
C LYS A 147 29.42 29.92 5.02
N PHE A 148 30.15 29.21 5.87
CA PHE A 148 29.53 28.81 7.14
C PHE A 148 29.36 30.07 8.05
N LEU A 149 30.19 31.09 7.81
CA LEU A 149 30.17 32.34 8.56
C LEU A 149 29.00 33.17 8.07
N ALA A 150 28.75 33.15 6.78
CA ALA A 150 27.60 33.90 6.27
C ALA A 150 26.32 33.32 6.86
N LYS A 151 26.30 32.00 6.97
CA LYS A 151 25.12 31.32 7.47
C LYS A 151 24.96 31.65 8.96
N ILE A 152 26.05 31.56 9.72
CA ILE A 152 25.91 31.91 11.13
C ILE A 152 25.52 33.41 11.28
N ALA A 153 26.03 34.25 10.39
CA ALA A 153 25.72 35.67 10.50
C ALA A 153 24.25 35.98 10.25
N SER A 154 23.60 35.25 9.35
CA SER A 154 22.20 35.52 9.08
C SER A 154 21.32 35.26 10.31
N ASP A 155 21.82 34.50 11.28
CA ASP A 155 21.10 34.39 12.56
C ASP A 155 21.27 35.50 13.59
N MET A 156 22.24 36.38 13.40
CA MET A 156 22.63 37.24 14.48
C MET A 156 21.66 38.40 14.69
N ASN A 157 20.99 38.85 13.64
CA ASN A 157 20.02 39.88 13.74
C ASN A 157 18.73 39.36 13.14
N LYS A 158 18.27 38.17 13.49
CA LYS A 158 16.93 37.83 12.97
C LYS A 158 15.91 38.06 14.06
N PRO A 159 14.66 38.37 13.71
CA PRO A 159 14.16 38.48 12.33
C PRO A 159 14.45 39.86 11.71
N ASN A 160 14.33 39.93 10.38
CA ASN A 160 14.32 41.18 9.66
C ASN A 160 15.52 42.12 9.96
N GLY A 161 16.71 41.54 9.94
CA GLY A 161 17.94 42.27 10.06
C GLY A 161 19.02 41.49 9.33
N GLN A 162 20.23 42.03 9.35
CA GLN A 162 21.37 41.41 8.72
C GLN A 162 22.62 41.67 9.53
N PHE A 163 23.69 40.95 9.20
CA PHE A 163 24.92 41.02 9.96
C PHE A 163 26.08 40.70 9.05
N VAL A 164 27.17 41.47 9.19
CA VAL A 164 28.33 41.42 8.33
C VAL A 164 29.58 41.07 9.14
N ILE A 165 30.39 40.17 8.62
CA ILE A 165 31.65 39.82 9.21
C ILE A 165 32.74 40.03 8.15
N THR A 166 33.64 40.97 8.43
CA THR A 166 34.73 41.27 7.53
C THR A 166 35.84 40.30 7.86
N PRO A 167 36.76 40.11 6.93
CA PRO A 167 37.99 39.35 7.21
C PRO A 167 38.72 39.78 8.46
N ALA A 168 38.80 41.08 8.69
CA ALA A 168 39.43 41.61 9.90
C ALA A 168 38.70 41.08 11.14
N GLU A 169 37.37 40.94 11.05
CA GLU A 169 36.55 40.58 12.21
C GLU A 169 36.57 39.07 12.54
N VAL A 170 36.97 38.24 11.59
CA VAL A 170 36.89 36.76 11.78
C VAL A 170 37.60 36.15 13.01
N PRO A 171 38.85 36.48 13.23
CA PRO A 171 39.55 35.99 14.42
C PRO A 171 38.83 36.28 15.76
N ALA A 172 38.40 37.53 15.97
CA ALA A 172 37.64 37.90 17.19
C ALA A 172 36.29 37.16 17.26
N PHE A 173 35.59 37.06 16.13
CA PHE A 173 34.32 36.34 16.03
C PHE A 173 34.40 34.86 16.34
N LEU A 174 35.39 34.18 15.76
CA LEU A 174 35.69 32.79 16.10
C LEU A 174 36.03 32.54 17.56
N GLN A 175 36.89 33.37 18.15
CA GLN A 175 37.44 33.09 19.50
C GLN A 175 36.45 32.40 20.47
N THR A 176 35.25 32.98 20.64
CA THR A 176 34.25 32.50 21.63
C THR A 176 33.04 31.94 20.92
N LEU A 177 33.19 31.61 19.65
CA LEU A 177 32.10 31.05 18.90
C LEU A 177 31.84 29.57 19.33
N PRO A 178 30.67 29.32 19.86
CA PRO A 178 30.31 27.97 20.25
C PRO A 178 30.29 26.97 19.06
N LEU A 179 31.01 25.86 19.16
CA LEU A 179 31.11 24.89 18.10
C LEU A 179 29.72 24.40 17.65
N ALA A 180 28.77 24.29 18.58
CA ALA A 180 27.39 23.92 18.24
C ALA A 180 26.75 24.90 17.27
N LYS A 181 27.31 26.09 17.09
CA LYS A 181 26.76 26.98 16.09
C LYS A 181 27.29 26.69 14.70
N ILE A 182 28.34 25.88 14.56
CA ILE A 182 28.81 25.50 13.22
C ILE A 182 27.82 24.57 12.44
N PRO A 183 27.31 24.98 11.26
CA PRO A 183 26.39 24.02 10.60
C PRO A 183 27.04 22.67 10.37
N GLY A 184 26.33 21.57 10.71
CA GLY A 184 26.89 20.23 10.56
C GLY A 184 27.35 19.77 11.92
N VAL A 185 27.35 20.68 12.90
CA VAL A 185 27.64 20.28 14.28
C VAL A 185 26.30 20.17 15.06
N GLY A 186 25.75 18.95 15.14
CA GLY A 186 24.51 18.74 15.82
C GLY A 186 24.71 18.28 17.23
N LYS A 187 23.64 17.76 17.83
CA LYS A 187 23.71 17.51 19.26
C LYS A 187 24.65 16.40 19.66
N VAL A 188 24.71 15.34 18.84
CA VAL A 188 25.65 14.25 19.11
C VAL A 188 27.09 14.75 19.04
N SER A 189 27.50 15.37 17.94
CA SER A 189 28.84 15.96 17.86
C SER A 189 29.17 16.93 19.01
N ALA A 190 28.29 17.92 19.27
CA ALA A 190 28.55 18.91 20.32
C ALA A 190 28.73 18.23 21.66
N ALA A 191 27.88 17.22 21.97
CA ALA A 191 28.00 16.47 23.22
C ALA A 191 29.34 15.77 23.32
N LYS A 192 29.78 15.20 22.21
CA LYS A 192 31.04 14.53 22.18
C LYS A 192 32.21 15.52 22.36
N LEU A 193 32.11 16.70 21.74
CA LEU A 193 33.17 17.70 21.84
C LEU A 193 33.27 18.21 23.27
N GLU A 194 32.11 18.46 23.87
CA GLU A 194 31.96 18.92 25.23
C GLU A 194 32.57 17.96 26.22
N ALA A 195 32.48 16.65 25.95
CA ALA A 195 33.01 15.63 26.89
C ALA A 195 34.56 15.64 26.88
N MET A 196 35.12 16.21 25.80
CA MET A 196 36.56 16.46 25.67
C MET A 196 37.02 17.87 26.10
N GLY A 197 36.11 18.67 26.65
CA GLY A 197 36.39 20.06 27.03
C GLY A 197 36.56 21.04 25.88
N LEU A 198 36.04 20.69 24.69
CA LEU A 198 36.06 21.59 23.52
C LEU A 198 34.67 22.18 23.30
N ARG A 199 34.47 23.42 23.70
CA ARG A 199 33.18 24.10 23.54
C ARG A 199 33.20 25.16 22.41
N THR A 200 34.32 25.88 22.26
CA THR A 200 34.39 26.95 21.24
C THR A 200 35.46 26.74 20.16
N CYS A 201 35.34 27.48 19.06
CA CYS A 201 36.37 27.46 18.02
C CYS A 201 37.73 27.75 18.65
N GLY A 202 37.74 28.62 19.66
CA GLY A 202 38.92 28.95 20.46
C GLY A 202 39.59 27.71 21.02
N ASP A 203 38.81 26.89 21.72
CA ASP A 203 39.29 25.57 22.20
C ASP A 203 39.95 24.74 21.09
N VAL A 204 39.28 24.63 19.95
CA VAL A 204 39.72 23.77 18.85
C VAL A 204 41.02 24.24 18.17
N GLN A 205 41.19 25.56 18.08
CA GLN A 205 42.45 26.13 17.64
C GLN A 205 43.64 25.60 18.45
N ALA A 206 43.47 25.42 19.75
CA ALA A 206 44.55 24.93 20.63
C ALA A 206 44.80 23.41 20.46
N CYS A 207 44.00 22.75 19.63
CA CYS A 207 44.05 21.31 19.42
C CYS A 207 45.01 20.90 18.33
N ASP A 208 45.53 19.69 18.46
CA ASP A 208 46.28 19.04 17.40
C ASP A 208 45.35 18.48 16.32
N LEU A 209 45.65 18.77 15.06
CA LEU A 209 44.86 18.23 13.92
C LEU A 209 44.82 16.69 13.80
N VAL A 210 45.98 16.06 13.93
CA VAL A 210 46.06 14.58 13.83
C VAL A 210 45.11 13.91 14.82
N MET A 211 45.07 14.43 16.04
CA MET A 211 44.16 13.91 17.08
C MET A 211 42.70 14.05 16.66
N LEU A 212 42.37 15.19 16.05
CA LEU A 212 41.00 15.48 15.61
C LEU A 212 40.65 14.60 14.42
N LEU A 213 41.63 14.37 13.56
CA LEU A 213 41.42 13.44 12.47
C LEU A 213 41.22 11.99 12.97
N LYS A 214 42.04 11.59 13.96
CA LYS A 214 41.98 10.23 14.48
C LYS A 214 40.72 9.97 15.27
N ARG A 215 40.28 10.95 16.04
CA ARG A 215 39.06 10.81 16.81
C ARG A 215 37.81 10.94 15.93
N PHE A 216 37.86 11.80 14.90
CA PHE A 216 36.66 12.16 14.13
C PHE A 216 36.67 11.91 12.63
N GLY A 217 37.82 11.57 12.03
CA GLY A 217 37.89 11.49 10.56
C GLY A 217 37.61 12.83 9.89
N LYS A 218 36.95 12.80 8.74
CA LYS A 218 36.75 13.97 7.90
C LYS A 218 36.15 15.19 8.61
N PHE A 219 35.22 14.96 9.55
CA PHE A 219 34.64 16.03 10.38
C PHE A 219 35.69 16.63 11.36
N GLY A 220 36.75 15.89 11.65
CA GLY A 220 37.77 16.36 12.50
C GLY A 220 38.50 17.39 11.68
N ARG A 221 38.83 17.07 10.43
CA ARG A 221 39.45 18.04 9.58
C ARG A 221 38.56 19.27 9.42
N ILE A 222 37.28 19.05 9.06
CA ILE A 222 36.36 20.17 8.80
C ILE A 222 36.24 21.06 10.02
N LEU A 223 36.18 20.45 11.19
CA LEU A 223 36.08 21.21 12.39
C LEU A 223 37.33 22.07 12.64
N TRP A 224 38.50 21.50 12.37
CA TRP A 224 39.76 22.18 12.59
C TRP A 224 39.82 23.38 11.65
N GLU A 225 39.41 23.16 10.40
CA GLU A 225 39.32 24.28 9.43
C GLU A 225 38.32 25.37 9.85
N ARG A 226 37.04 25.00 10.03
CA ARG A 226 36.05 25.98 10.42
C ARG A 226 36.47 26.74 11.69
N SER A 227 37.09 26.09 12.66
CA SER A 227 37.54 26.79 13.85
C SER A 227 38.53 27.92 13.56
N GLN A 228 39.01 27.94 12.33
CA GLN A 228 40.03 28.87 11.99
C GLN A 228 39.56 29.77 10.93
N GLY A 229 38.31 29.58 10.52
CA GLY A 229 37.70 30.46 9.55
C GLY A 229 37.84 29.88 8.18
N ILE A 230 38.44 28.69 8.11
CA ILE A 230 38.65 28.13 6.79
C ILE A 230 37.44 27.39 6.29
N ASP A 231 37.00 27.78 5.10
CA ASP A 231 35.89 27.09 4.44
C ASP A 231 35.94 27.36 2.93
N GLU A 232 36.50 26.44 2.13
CA GLU A 232 36.74 26.72 0.71
C GLU A 232 35.61 26.28 -0.19
N ARG A 233 34.52 25.78 0.39
CA ARG A 233 33.40 25.26 -0.43
C ARG A 233 32.93 26.39 -1.30
N ASP A 234 33.01 26.22 -2.63
CA ASP A 234 32.46 27.25 -3.51
C ASP A 234 30.96 27.19 -3.61
N VAL A 235 30.31 28.35 -3.77
CA VAL A 235 28.88 28.44 -4.03
C VAL A 235 28.59 27.70 -5.32
N ASN A 236 27.68 26.73 -5.28
CA ASN A 236 27.45 25.87 -6.47
C ASN A 236 26.54 26.32 -7.59
N SER A 237 25.24 26.31 -7.41
CA SER A 237 24.33 26.77 -8.50
C SER A 237 24.07 25.70 -9.58
N GLU A 238 24.95 24.72 -9.73
CA GLU A 238 24.71 23.64 -10.68
C GLU A 238 24.40 22.33 -9.92
N ARG A 239 23.78 22.43 -8.73
CA ARG A 239 23.49 21.25 -7.88
C ARG A 239 22.17 20.59 -8.26
N LEU A 240 22.22 19.28 -8.37
CA LEU A 240 21.04 18.51 -8.76
C LEU A 240 20.81 17.41 -7.74
N ARG A 241 19.54 17.12 -7.42
CA ARG A 241 19.28 15.87 -6.62
C ARG A 241 19.91 14.57 -7.17
N LYS A 242 20.34 13.72 -6.26
CA LYS A 242 20.88 12.42 -6.60
C LYS A 242 19.93 11.26 -6.26
N SER A 243 18.83 11.56 -5.60
CA SER A 243 17.87 10.54 -5.19
C SER A 243 16.47 11.14 -5.07
N VAL A 244 15.45 10.29 -5.04
CA VAL A 244 14.06 10.78 -4.81
C VAL A 244 13.24 9.68 -4.13
N GLY A 245 12.49 10.08 -3.13
CA GLY A 245 11.76 9.15 -2.32
C GLY A 245 10.41 9.69 -1.92
N VAL A 246 9.54 8.78 -1.53
CA VAL A 246 8.24 9.09 -0.96
C VAL A 246 8.07 8.14 0.20
N GLU A 247 7.71 8.69 1.35
CA GLU A 247 7.50 7.85 2.56
C GLU A 247 6.31 8.37 3.35
N ARG A 248 5.61 7.51 4.09
CA ARG A 248 4.51 7.97 4.91
C ARG A 248 4.59 7.30 6.25
N THR A 249 4.24 8.08 7.27
CA THR A 249 4.08 7.58 8.64
C THR A 249 2.57 7.34 8.90
N MET A 250 2.20 6.11 9.30
CA MET A 250 0.76 5.83 9.50
C MET A 250 0.30 6.33 10.86
N ALA A 251 -1.00 6.61 11.02
CA ALA A 251 -1.53 6.98 12.36
C ALA A 251 -1.47 5.81 13.37
N GLU A 252 -1.47 4.60 12.84
CA GLU A 252 -1.44 3.45 13.72
C GLU A 252 -0.48 2.41 13.11
N ASP A 253 0.41 1.82 13.91
CA ASP A 253 1.36 0.79 13.38
C ASP A 253 0.66 -0.40 12.65
N ILE A 254 1.27 -0.89 11.59
CA ILE A 254 0.66 -2.01 10.90
C ILE A 254 1.34 -3.31 11.29
N HIS A 255 0.58 -4.42 11.26
CA HIS A 255 1.14 -5.71 11.64
C HIS A 255 0.94 -6.76 10.54
N HIS A 256 0.35 -6.38 9.42
CA HIS A 256 0.07 -7.35 8.39
C HIS A 256 0.76 -6.99 7.10
N TRP A 257 1.41 -7.99 6.51
CA TRP A 257 2.01 -7.80 5.20
C TRP A 257 1.03 -7.21 4.16
N SER A 258 -0.25 -7.57 4.18
CA SER A 258 -1.15 -6.92 3.17
C SER A 258 -1.25 -5.39 3.41
N GLU A 259 -1.10 -4.95 4.65
CA GLU A 259 -1.29 -3.54 4.93
C GLU A 259 -0.13 -2.80 4.31
N CYS A 260 1.08 -3.37 4.47
CA CYS A 260 2.31 -2.89 3.83
C CYS A 260 2.24 -2.84 2.30
N GLU A 261 1.72 -3.92 1.70
CA GLU A 261 1.56 -4.02 0.24
C GLU A 261 0.61 -2.93 -0.18
N ALA A 262 -0.48 -2.75 0.56
CA ALA A 262 -1.47 -1.72 0.15
C ALA A 262 -0.90 -0.29 0.21
N ILE A 263 -0.11 0.02 1.25
CA ILE A 263 0.51 1.33 1.35
C ILE A 263 1.49 1.54 0.20
N ILE A 264 2.25 0.49 -0.14
CA ILE A 264 3.19 0.56 -1.25
C ILE A 264 2.43 0.81 -2.57
N GLU A 265 1.30 0.15 -2.81
CA GLU A 265 0.48 0.47 -4.01
C GLU A 265 0.14 1.94 -4.05
N ARG A 266 -0.14 2.56 -2.91
CA ARG A 266 -0.46 3.99 -2.81
C ARG A 266 0.79 4.89 -3.10
N LEU A 267 1.93 4.55 -2.51
CA LEU A 267 3.12 5.40 -2.65
C LEU A 267 3.71 5.35 -4.04
N TYR A 268 3.50 4.23 -4.74
CA TYR A 268 4.22 4.06 -5.98
C TYR A 268 3.89 5.09 -7.10
N PRO A 269 2.58 5.40 -7.29
CA PRO A 269 2.30 6.32 -8.41
C PRO A 269 2.92 7.68 -8.16
N GLU A 270 3.07 8.02 -6.88
CA GLU A 270 3.63 9.34 -6.50
C GLU A 270 5.15 9.35 -6.70
N LEU A 271 5.80 8.25 -6.36
CA LEU A 271 7.18 8.08 -6.75
C LEU A 271 7.34 8.18 -8.29
N GLU A 272 6.52 7.50 -9.07
CA GLU A 272 6.63 7.51 -10.56
C GLU A 272 6.53 8.93 -11.11
N ARG A 273 5.50 9.63 -10.65
CA ARG A 273 5.16 11.01 -10.98
C ARG A 273 6.35 11.96 -10.73
N ARG A 274 7.00 11.82 -9.59
CA ARG A 274 8.07 12.70 -9.19
C ARG A 274 9.32 12.41 -9.99
N LEU A 275 9.60 11.12 -10.22
CA LEU A 275 10.79 10.72 -10.99
C LEU A 275 10.62 11.07 -12.47
N ALA A 276 9.39 10.96 -12.97
CA ALA A 276 9.10 11.34 -14.35
C ALA A 276 9.60 12.75 -14.65
N LYS A 277 9.38 13.67 -13.69
CA LYS A 277 9.71 15.10 -13.87
C LYS A 277 11.18 15.42 -14.03
N VAL A 278 12.03 14.52 -13.55
CA VAL A 278 13.43 14.77 -13.69
C VAL A 278 14.05 13.75 -14.67
N LYS A 279 13.32 12.66 -14.96
CA LYS A 279 13.79 11.64 -15.89
C LYS A 279 12.61 10.88 -16.50
N PRO A 280 12.03 11.39 -17.60
CA PRO A 280 10.87 10.78 -18.31
C PRO A 280 10.91 9.27 -18.58
N ASP A 281 12.11 8.72 -18.70
CA ASP A 281 12.29 7.33 -19.10
C ASP A 281 12.53 6.43 -17.87
N LEU A 282 12.36 7.01 -16.68
CA LEU A 282 12.35 6.34 -15.38
C LEU A 282 13.52 5.42 -15.25
N LEU A 283 14.65 5.78 -15.88
CA LEU A 283 15.84 4.93 -15.75
C LEU A 283 16.67 5.45 -14.57
N ILE A 284 17.34 4.55 -13.84
CA ILE A 284 17.90 4.84 -12.51
C ILE A 284 19.12 3.96 -12.21
N ALA A 285 19.73 4.12 -11.04
CA ALA A 285 20.89 3.27 -10.68
C ALA A 285 20.51 2.27 -9.60
N ARG A 286 19.66 2.70 -8.66
CA ARG A 286 19.19 1.84 -7.56
C ARG A 286 17.74 2.16 -7.24
N GLN A 287 17.02 1.20 -6.69
CA GLN A 287 15.72 1.46 -6.09
C GLN A 287 15.55 0.55 -4.88
N GLY A 288 14.59 0.88 -4.01
CA GLY A 288 14.55 0.17 -2.76
C GLY A 288 13.49 0.76 -1.88
N VAL A 289 13.37 0.19 -0.71
CA VAL A 289 12.29 0.48 0.19
C VAL A 289 12.88 0.83 1.57
N LYS A 290 12.08 1.48 2.38
CA LYS A 290 12.44 1.70 3.75
C LYS A 290 11.28 1.30 4.69
N LEU A 291 11.61 0.77 5.86
CA LEU A 291 10.59 0.55 6.91
C LEU A 291 11.12 1.15 8.22
N LYS A 292 10.19 1.76 8.96
CA LYS A 292 10.50 2.17 10.29
C LYS A 292 9.56 1.46 11.25
N PHE A 293 10.13 0.90 12.31
CA PHE A 293 9.41 0.17 13.31
C PHE A 293 8.96 0.92 14.53
N ASP A 294 8.14 0.21 15.31
CA ASP A 294 7.58 0.78 16.55
C ASP A 294 8.58 1.33 17.54
N ASP A 295 9.79 0.80 17.54
CA ASP A 295 10.80 1.27 18.50
C ASP A 295 11.64 2.38 17.79
N PHE A 296 11.11 2.92 16.67
CA PHE A 296 11.70 4.04 15.91
C PHE A 296 12.97 3.68 15.15
N GLN A 297 13.34 2.42 15.16
CA GLN A 297 14.44 1.97 14.36
C GLN A 297 13.98 1.83 12.93
N GLN A 298 14.86 2.10 12.00
CA GLN A 298 14.51 1.92 10.65
C GLN A 298 15.44 1.01 9.89
N THR A 299 14.98 0.50 8.73
CA THR A 299 15.88 -0.20 7.85
C THR A 299 15.58 0.15 6.43
N THR A 300 16.62 0.10 5.59
CA THR A 300 16.48 0.44 4.15
C THR A 300 17.02 -0.79 3.39
N GLN A 301 16.42 -1.06 2.26
CA GLN A 301 16.87 -2.16 1.41
C GLN A 301 16.72 -1.73 -0.05
N GLU A 302 17.90 -1.46 -0.63
CA GLU A 302 18.08 -0.99 -2.00
C GLU A 302 18.96 -1.96 -2.77
N HIS A 303 18.77 -2.01 -4.07
CA HIS A 303 19.67 -2.77 -4.94
C HIS A 303 19.81 -2.11 -6.31
N VAL A 304 20.96 -2.34 -6.93
CA VAL A 304 21.21 -1.95 -8.31
C VAL A 304 19.99 -2.33 -9.13
N TRP A 305 19.50 -1.39 -9.92
CA TRP A 305 18.32 -1.63 -10.73
C TRP A 305 18.18 -0.63 -11.88
N PRO A 306 17.90 -1.13 -13.11
CA PRO A 306 17.98 -0.26 -14.31
C PRO A 306 16.85 0.73 -14.46
N ARG A 307 15.65 0.40 -13.98
CA ARG A 307 14.45 1.23 -14.23
C ARG A 307 13.47 1.11 -13.09
N LEU A 308 12.77 2.21 -12.78
CA LEU A 308 11.82 2.26 -11.69
C LEU A 308 10.86 1.14 -11.98
N ASN A 309 10.57 0.30 -11.00
CA ASN A 309 9.75 -0.92 -11.23
C ASN A 309 8.97 -1.33 -10.00
N LYS A 310 7.65 -1.24 -10.07
CA LYS A 310 6.82 -1.50 -8.90
C LYS A 310 6.91 -2.94 -8.34
N ALA A 311 6.67 -3.94 -9.18
CA ALA A 311 6.71 -5.31 -8.74
C ALA A 311 8.06 -5.62 -8.08
N ASP A 312 9.14 -4.94 -8.49
CA ASP A 312 10.40 -5.22 -7.83
C ASP A 312 10.47 -4.58 -6.41
N LEU A 313 9.91 -3.38 -6.28
CA LEU A 313 9.83 -2.74 -4.98
C LEU A 313 8.99 -3.58 -3.98
N ILE A 314 7.93 -4.21 -4.48
CA ILE A 314 7.03 -4.99 -3.65
C ILE A 314 7.69 -6.28 -3.22
N ALA A 315 8.27 -6.98 -4.20
CA ALA A 315 9.18 -8.10 -3.91
C ALA A 315 10.28 -7.76 -2.85
N THR A 316 10.94 -6.62 -3.01
CA THR A 316 11.98 -6.21 -2.07
C THR A 316 11.39 -5.97 -0.68
N ALA A 317 10.26 -5.26 -0.69
CA ALA A 317 9.48 -5.02 0.55
C ALA A 317 9.05 -6.28 1.32
N ARG A 318 8.71 -7.34 0.60
CA ARG A 318 8.31 -8.59 1.20
C ARG A 318 9.49 -9.18 1.95
N LYS A 319 10.65 -9.18 1.27
CA LYS A 319 11.91 -9.63 1.88
C LYS A 319 12.28 -8.83 3.12
N THR A 320 12.22 -7.51 2.99
CA THR A 320 12.52 -6.70 4.14
C THR A 320 11.60 -6.95 5.35
N TRP A 321 10.31 -6.97 5.07
CA TRP A 321 9.25 -7.25 6.07
C TRP A 321 9.41 -8.65 6.68
N ASP A 322 9.70 -9.67 5.89
CA ASP A 322 9.87 -11.06 6.41
C ASP A 322 11.17 -11.16 7.19
N GLU A 323 12.21 -10.45 6.76
CA GLU A 323 13.52 -10.78 7.33
C GLU A 323 13.98 -9.85 8.46
N ARG A 324 13.53 -8.60 8.45
CA ARG A 324 14.10 -7.53 9.31
C ARG A 324 13.11 -6.98 10.30
N ARG A 325 11.82 -7.15 10.07
CA ARG A 325 10.80 -6.64 10.97
C ARG A 325 10.91 -7.31 12.37
N GLY A 326 11.28 -8.60 12.41
CA GLY A 326 11.39 -9.31 13.74
C GLY A 326 10.10 -9.25 14.61
N GLY A 327 8.91 -9.25 14.00
CA GLY A 327 7.69 -9.19 14.80
C GLY A 327 7.17 -7.83 15.23
N ARG A 328 7.92 -6.76 14.97
CA ARG A 328 7.53 -5.43 15.43
C ARG A 328 6.44 -4.87 14.52
N GLY A 329 5.78 -3.84 15.05
CA GLY A 329 4.89 -3.04 14.25
C GLY A 329 5.69 -2.07 13.41
N VAL A 330 5.13 -1.71 12.25
CA VAL A 330 5.75 -0.76 11.32
C VAL A 330 4.99 0.57 11.33
N ARG A 331 5.70 1.68 11.55
CA ARG A 331 5.02 2.99 11.66
C ARG A 331 5.13 3.72 10.38
N LEU A 332 6.14 3.36 9.56
CA LEU A 332 6.42 4.07 8.30
C LEU A 332 6.84 3.15 7.22
N VAL A 333 6.44 3.45 6.00
CA VAL A 333 7.02 2.78 4.84
C VAL A 333 7.32 3.77 3.73
N GLY A 334 8.44 3.51 3.05
CA GLY A 334 8.95 4.41 2.00
C GLY A 334 9.50 3.68 0.80
N LEU A 335 9.52 4.39 -0.32
CA LEU A 335 10.11 3.98 -1.57
C LEU A 335 11.21 5.02 -1.97
N HIS A 336 12.28 4.53 -2.61
CA HIS A 336 13.48 5.31 -2.82
C HIS A 336 14.12 4.91 -4.11
N VAL A 337 14.58 5.90 -4.84
CA VAL A 337 15.28 5.67 -6.06
C VAL A 337 16.60 6.42 -6.02
N THR A 338 17.68 5.77 -6.44
CA THR A 338 18.92 6.47 -6.62
C THR A 338 19.09 6.72 -8.09
N LEU A 339 19.34 7.97 -8.46
CA LEU A 339 19.57 8.36 -9.86
C LEU A 339 20.95 8.01 -10.43
N LEU A 340 21.02 8.00 -11.76
CA LEU A 340 22.29 7.79 -12.45
C LEU A 340 23.09 9.07 -12.29
N ASP A 341 24.40 8.92 -12.06
CA ASP A 341 25.37 10.01 -12.15
C ASP A 341 25.20 10.75 -13.48
N PRO A 342 25.52 12.08 -13.51
CA PRO A 342 25.49 13.02 -14.64
C PRO A 342 24.50 12.88 -15.83
N GLY D 1 -28.43 -15.18 -34.29
CA GLY D 1 -27.11 -15.68 -33.78
C GLY D 1 -26.88 -15.61 -32.28
N SER D 2 -27.91 -15.22 -31.51
CA SER D 2 -27.85 -15.27 -30.03
C SER D 2 -27.79 -16.73 -29.52
N ARG D 3 -26.96 -17.00 -28.53
CA ARG D 3 -27.05 -18.28 -27.84
C ARG D 3 -28.23 -18.21 -26.85
N LYS D 4 -28.73 -19.35 -26.37
CA LYS D 4 -29.54 -19.30 -25.14
C LYS D 4 -28.80 -19.95 -23.97
N ILE D 5 -28.50 -19.17 -22.92
CA ILE D 5 -27.67 -19.66 -21.76
C ILE D 5 -28.51 -19.71 -20.48
N ILE D 6 -28.54 -20.89 -19.86
CA ILE D 6 -29.24 -21.03 -18.58
C ILE D 6 -28.22 -21.29 -17.46
N HIS D 7 -28.32 -20.51 -16.40
CA HIS D 7 -27.58 -20.80 -15.18
C HIS D 7 -28.53 -21.35 -14.14
N VAL D 8 -28.24 -22.52 -13.58
CA VAL D 8 -29.10 -23.15 -12.56
C VAL D 8 -28.30 -23.14 -11.27
N ASP D 9 -28.96 -22.70 -10.21
CA ASP D 9 -28.34 -22.50 -8.93
C ASP D 9 -29.22 -23.11 -7.86
N MET D 10 -28.81 -24.20 -7.24
CA MET D 10 -29.57 -24.72 -6.10
C MET D 10 -29.67 -23.69 -4.98
N ASP D 11 -30.78 -23.73 -4.28
CA ASP D 11 -30.99 -22.77 -3.21
C ASP D 11 -30.36 -23.29 -1.93
N CYS D 12 -29.52 -22.46 -1.35
CA CYS D 12 -28.75 -22.76 -0.15
C CYS D 12 -28.43 -24.28 0.02
N PHE D 13 -27.78 -24.81 -1.01
CA PHE D 13 -27.70 -26.21 -1.32
C PHE D 13 -27.40 -27.16 -0.14
N PHE D 14 -26.25 -26.98 0.53
CA PHE D 14 -25.88 -27.86 1.64
C PHE D 14 -26.93 -27.84 2.71
N ALA D 15 -27.40 -26.63 3.03
CA ALA D 15 -28.42 -26.48 4.07
C ALA D 15 -29.76 -27.10 3.59
N ALA D 16 -30.07 -26.93 2.31
CA ALA D 16 -31.28 -27.54 1.75
C ALA D 16 -31.21 -29.08 1.88
N VAL D 17 -30.01 -29.63 1.72
CA VAL D 17 -29.86 -31.07 1.84
C VAL D 17 -29.92 -31.51 3.28
N GLU D 18 -29.41 -30.72 4.22
CA GLU D 18 -29.58 -31.07 5.65
C GLU D 18 -31.05 -30.95 6.14
N MET D 19 -31.78 -29.95 5.67
CA MET D 19 -33.22 -29.83 6.02
C MET D 19 -34.14 -30.88 5.35
N ARG D 20 -33.86 -31.24 4.11
CA ARG D 20 -34.54 -32.36 3.49
C ARG D 20 -34.39 -33.61 4.35
N ASP D 21 -33.13 -33.89 4.69
CA ASP D 21 -32.73 -35.10 5.42
C ASP D 21 -33.03 -35.04 6.89
N ASN D 22 -33.55 -33.90 7.35
CA ASN D 22 -33.95 -33.77 8.73
C ASN D 22 -34.87 -32.59 8.90
N PRO D 23 -36.17 -32.82 8.74
CA PRO D 23 -37.22 -31.81 8.74
C PRO D 23 -37.25 -30.95 10.00
N ALA D 24 -36.56 -31.35 11.05
CA ALA D 24 -36.61 -30.57 12.28
C ALA D 24 -35.70 -29.36 12.17
N LEU D 25 -34.98 -29.26 11.06
CA LEU D 25 -34.03 -28.18 10.88
C LEU D 25 -34.65 -27.07 10.07
N ARG D 26 -35.92 -27.27 9.71
CA ARG D 26 -36.55 -26.47 8.69
C ARG D 26 -36.72 -25.03 9.09
N ASP D 27 -37.22 -24.83 10.32
CA ASP D 27 -37.66 -23.50 10.71
C ASP D 27 -36.76 -22.93 11.79
N ILE D 28 -35.65 -23.59 12.05
CA ILE D 28 -34.64 -23.06 12.92
C ILE D 28 -33.47 -22.63 12.08
N PRO D 29 -32.66 -21.68 12.59
CA PRO D 29 -31.49 -21.20 11.88
C PRO D 29 -30.34 -22.21 11.84
N ILE D 30 -29.92 -22.65 10.65
CA ILE D 30 -28.80 -23.59 10.56
C ILE D 30 -27.76 -23.08 9.60
N ALA D 31 -26.53 -23.60 9.71
CA ALA D 31 -25.43 -23.25 8.83
C ALA D 31 -24.41 -24.35 8.76
N ILE D 32 -23.81 -24.55 7.59
CA ILE D 32 -22.70 -25.50 7.42
C ILE D 32 -21.40 -24.67 7.51
N GLY D 33 -20.48 -25.08 8.38
CA GLY D 33 -19.28 -24.30 8.70
C GLY D 33 -18.63 -24.90 9.92
N GLY D 34 -17.31 -24.73 10.08
CA GLY D 34 -16.60 -25.16 11.30
C GLY D 34 -17.06 -24.35 12.50
N SER D 35 -16.93 -24.96 13.68
CA SER D 35 -17.27 -24.33 14.94
C SER D 35 -16.33 -23.18 15.18
N ARG D 36 -16.75 -22.31 16.09
CA ARG D 36 -15.93 -21.21 16.58
C ARG D 36 -14.56 -21.67 17.09
N GLU D 37 -14.54 -22.75 17.85
CA GLU D 37 -13.30 -23.31 18.45
C GLU D 37 -12.39 -23.89 17.35
N ARG D 38 -12.99 -24.41 16.29
CA ARG D 38 -12.23 -24.80 15.11
C ARG D 38 -11.99 -23.62 14.17
N ARG D 39 -12.24 -22.39 14.62
CA ARG D 39 -11.95 -21.15 13.84
C ARG D 39 -12.60 -21.19 12.43
N GLY D 40 -13.84 -21.68 12.40
CA GLY D 40 -14.57 -21.94 11.15
C GLY D 40 -15.15 -20.72 10.47
N VAL D 41 -15.48 -20.89 9.20
CA VAL D 41 -16.29 -19.90 8.50
C VAL D 41 -17.51 -20.61 7.92
N ILE D 42 -18.58 -19.86 7.68
CA ILE D 42 -19.83 -20.42 7.19
C ILE D 42 -19.71 -20.80 5.72
N SER D 43 -20.12 -22.01 5.36
CA SER D 43 -20.23 -22.34 3.93
C SER D 43 -21.58 -21.92 3.37
N THR D 44 -22.66 -22.27 4.08
CA THR D 44 -24.03 -21.96 3.59
C THR D 44 -24.88 -21.90 4.82
N ALA D 45 -25.96 -21.15 4.72
CA ALA D 45 -26.90 -20.98 5.80
C ALA D 45 -28.30 -21.08 5.19
N ASN D 46 -29.26 -21.48 5.99
CA ASN D 46 -30.64 -21.43 5.52
C ASN D 46 -31.25 -20.03 5.72
N TYR D 47 -32.48 -19.87 5.24
CA TYR D 47 -33.15 -18.57 5.30
C TYR D 47 -33.47 -18.10 6.72
N PRO D 48 -33.95 -18.98 7.60
CA PRO D 48 -34.03 -18.56 9.03
C PRO D 48 -32.68 -18.03 9.61
N ALA D 49 -31.54 -18.61 9.24
CA ALA D 49 -30.27 -18.00 9.65
C ALA D 49 -29.93 -16.70 8.89
N ARG D 50 -30.18 -16.65 7.60
CA ARG D 50 -29.85 -15.46 6.82
C ARG D 50 -30.69 -14.28 7.22
N LYS D 51 -31.89 -14.55 7.69
CA LYS D 51 -32.72 -13.50 8.33
C LYS D 51 -31.93 -12.64 9.32
N PHE D 52 -31.02 -13.29 10.08
CA PHE D 52 -30.05 -12.60 11.01
C PHE D 52 -28.84 -11.90 10.38
N GLY D 53 -28.59 -12.13 9.10
CA GLY D 53 -27.42 -11.51 8.47
C GLY D 53 -26.34 -12.54 8.27
N VAL D 54 -26.62 -13.81 8.55
CA VAL D 54 -25.65 -14.87 8.32
C VAL D 54 -25.47 -15.09 6.82
N ARG D 55 -24.22 -15.09 6.35
CA ARG D 55 -23.90 -15.27 4.91
C ARG D 55 -22.79 -16.26 4.76
N SER D 56 -22.55 -16.66 3.50
CA SER D 56 -21.44 -17.52 3.15
C SER D 56 -20.13 -16.78 3.33
N ALA D 57 -19.04 -17.49 3.67
CA ALA D 57 -17.72 -16.84 3.78
C ALA D 57 -17.60 -15.95 4.97
N MET D 58 -18.60 -16.00 5.83
CA MET D 58 -18.63 -15.24 7.06
C MET D 58 -17.93 -16.04 8.14
N PRO D 59 -17.06 -15.44 8.95
CA PRO D 59 -16.45 -16.27 10.02
C PRO D 59 -17.51 -16.72 10.98
N THR D 60 -17.42 -17.94 11.48
CA THR D 60 -18.39 -18.48 12.45
C THR D 60 -18.63 -17.61 13.70
N GLY D 61 -17.58 -17.00 14.24
CA GLY D 61 -17.75 -16.16 15.42
C GLY D 61 -18.71 -15.05 15.11
N MET D 62 -18.50 -14.40 13.98
CA MET D 62 -19.38 -13.35 13.54
C MET D 62 -20.82 -13.86 13.36
N ALA D 63 -20.98 -15.00 12.72
CA ALA D 63 -22.32 -15.58 12.52
C ALA D 63 -23.13 -15.74 13.83
N LEU D 64 -22.45 -16.30 14.84
CA LEU D 64 -23.02 -16.59 16.16
C LEU D 64 -23.32 -15.31 16.97
N ALA D 65 -22.54 -14.24 16.74
CA ALA D 65 -22.84 -12.94 17.37
C ALA D 65 -24.08 -12.39 16.73
N LEU D 66 -24.24 -12.60 15.43
CA LEU D 66 -25.44 -12.21 14.71
C LEU D 66 -26.66 -13.09 15.02
N CYS D 67 -26.44 -14.39 15.23
CA CYS D 67 -27.51 -15.36 15.40
C CYS D 67 -27.11 -16.41 16.47
N PRO D 68 -27.22 -16.07 17.77
CA PRO D 68 -26.82 -16.87 18.93
C PRO D 68 -27.42 -18.28 18.98
N HIS D 69 -28.55 -18.53 18.33
CA HIS D 69 -29.12 -19.90 18.28
C HIS D 69 -28.68 -20.76 17.10
N LEU D 70 -27.88 -20.18 16.21
CA LEU D 70 -27.34 -20.91 15.03
C LEU D 70 -26.98 -22.37 15.37
N THR D 71 -27.63 -23.31 14.69
CA THR D 71 -27.21 -24.72 14.79
C THR D 71 -26.15 -24.92 13.70
N LEU D 72 -24.98 -25.40 14.12
CA LEU D 72 -23.84 -25.51 13.22
C LEU D 72 -23.57 -26.98 12.81
N LEU D 73 -23.45 -27.20 11.51
CA LEU D 73 -23.39 -28.53 10.95
C LEU D 73 -22.07 -28.68 10.27
N PRO D 74 -21.49 -29.89 10.29
CA PRO D 74 -20.12 -30.03 9.75
C PRO D 74 -20.09 -30.30 8.28
N GLY D 75 -21.14 -30.87 7.72
CA GLY D 75 -21.14 -31.13 6.31
C GLY D 75 -20.99 -32.59 5.95
N ARG D 76 -21.84 -33.03 5.04
CA ARG D 76 -21.85 -34.43 4.60
C ARG D 76 -21.58 -34.48 3.11
N PHE D 77 -20.30 -34.52 2.73
CA PHE D 77 -19.94 -34.32 1.31
C PHE D 77 -20.44 -35.35 0.28
N ASP D 78 -20.55 -36.64 0.65
CA ASP D 78 -21.18 -37.67 -0.22
C ASP D 78 -22.66 -37.43 -0.47
N ALA D 79 -23.38 -36.97 0.56
CA ALA D 79 -24.74 -36.50 0.41
C ALA D 79 -24.82 -35.34 -0.61
N TYR D 80 -23.90 -34.39 -0.55
CA TYR D 80 -23.97 -33.27 -1.45
C TYR D 80 -23.57 -33.70 -2.86
N LYS D 81 -22.55 -34.55 -2.98
CA LYS D 81 -22.07 -35.07 -4.25
C LYS D 81 -23.16 -35.94 -4.88
N GLU D 82 -23.86 -36.71 -4.06
CA GLU D 82 -24.95 -37.54 -4.50
C GLU D 82 -26.03 -36.72 -5.22
N ALA D 83 -26.55 -35.70 -4.55
CA ALA D 83 -27.59 -34.86 -5.08
C ALA D 83 -27.10 -34.11 -6.30
N SER D 84 -25.85 -33.65 -6.23
CA SER D 84 -25.27 -32.92 -7.30
C SER D 84 -25.19 -33.77 -8.60
N ASN D 85 -24.78 -35.02 -8.49
CA ASN D 85 -24.76 -35.89 -9.69
C ASN D 85 -26.15 -36.11 -10.28
N HIS D 86 -27.12 -36.31 -9.39
CA HIS D 86 -28.49 -36.56 -9.77
C HIS D 86 -28.94 -35.34 -10.61
N ILE D 87 -28.66 -34.14 -10.11
CA ILE D 87 -29.09 -32.91 -10.72
C ILE D 87 -28.46 -32.77 -12.10
N ARG D 88 -27.18 -33.09 -12.22
CA ARG D 88 -26.47 -32.98 -13.52
C ARG D 88 -26.99 -34.04 -14.47
N GLU D 89 -27.34 -35.20 -13.93
CA GLU D 89 -27.95 -36.20 -14.76
C GLU D 89 -29.25 -35.62 -15.31
N ILE D 90 -29.99 -34.90 -14.46
CA ILE D 90 -31.20 -34.21 -14.93
C ILE D 90 -30.92 -33.17 -16.03
N PHE D 91 -29.81 -32.41 -15.93
CA PHE D 91 -29.48 -31.45 -17.01
C PHE D 91 -29.23 -32.16 -18.35
N SER D 92 -28.72 -33.37 -18.26
CA SER D 92 -28.31 -34.08 -19.44
C SER D 92 -29.54 -34.62 -20.22
N ARG D 93 -30.70 -34.73 -19.58
CA ARG D 93 -31.89 -35.12 -20.32
C ARG D 93 -32.24 -34.01 -21.30
N TYR D 94 -31.75 -32.79 -21.07
CA TYR D 94 -32.14 -31.63 -21.87
C TYR D 94 -31.07 -31.19 -22.86
N THR D 95 -29.80 -31.31 -22.47
CA THR D 95 -28.68 -31.00 -23.37
C THR D 95 -27.41 -31.63 -22.79
N SER D 96 -26.41 -31.82 -23.64
CA SER D 96 -25.10 -32.28 -23.19
C SER D 96 -24.10 -31.11 -23.07
N ARG D 97 -24.54 -29.90 -23.40
CA ARG D 97 -23.74 -28.69 -23.18
C ARG D 97 -23.97 -28.21 -21.75
N ILE D 98 -23.27 -28.85 -20.83
CA ILE D 98 -23.31 -28.59 -19.39
C ILE D 98 -21.91 -28.26 -18.90
N GLU D 99 -21.75 -27.09 -18.27
CA GLU D 99 -20.50 -26.71 -17.57
C GLU D 99 -20.77 -26.52 -16.10
N PRO D 100 -20.47 -27.53 -15.29
CA PRO D 100 -20.67 -27.45 -13.85
C PRO D 100 -19.69 -26.43 -13.27
N LEU D 101 -20.15 -25.56 -12.32
CA LEU D 101 -19.25 -24.59 -11.73
C LEU D 101 -18.82 -24.97 -10.33
N SER D 102 -19.60 -25.80 -9.69
CA SER D 102 -19.47 -26.14 -8.27
C SER D 102 -20.50 -27.25 -8.09
N LEU D 103 -20.52 -27.85 -6.92
CA LEU D 103 -21.56 -28.83 -6.59
C LEU D 103 -22.93 -28.30 -6.95
N ASP D 104 -23.22 -27.03 -6.60
CA ASP D 104 -24.59 -26.52 -6.78
C ASP D 104 -24.95 -25.63 -7.97
N GLU D 105 -24.05 -25.39 -8.91
CA GLU D 105 -24.32 -24.45 -10.03
C GLU D 105 -23.85 -25.09 -11.35
N ALA D 106 -24.50 -24.71 -12.45
CA ALA D 106 -23.97 -25.09 -13.74
C ALA D 106 -24.51 -24.15 -14.81
N TYR D 107 -23.72 -23.90 -15.85
CA TYR D 107 -24.25 -23.36 -17.11
C TYR D 107 -24.77 -24.46 -18.05
N LEU D 108 -25.83 -24.13 -18.80
CA LEU D 108 -26.36 -24.96 -19.84
C LEU D 108 -26.41 -24.13 -21.09
N ASP D 109 -25.99 -24.71 -22.22
CA ASP D 109 -26.18 -24.05 -23.50
C ASP D 109 -27.29 -24.77 -24.23
N VAL D 110 -28.36 -24.04 -24.49
CA VAL D 110 -29.61 -24.70 -24.75
C VAL D 110 -30.12 -24.11 -26.06
N THR D 111 -29.20 -23.43 -26.77
CA THR D 111 -29.43 -22.82 -28.10
C THR D 111 -29.92 -23.83 -29.15
N ASP D 112 -29.28 -24.99 -29.19
CA ASP D 112 -29.65 -26.02 -30.12
C ASP D 112 -30.49 -27.05 -29.38
N SER D 113 -31.46 -26.66 -28.58
CA SER D 113 -32.26 -27.70 -27.97
C SER D 113 -33.65 -27.72 -28.56
N VAL D 114 -34.30 -28.90 -28.49
CA VAL D 114 -35.62 -29.18 -29.09
C VAL D 114 -36.77 -29.40 -28.07
N HIS D 115 -36.45 -29.27 -26.77
CA HIS D 115 -37.34 -29.73 -25.68
C HIS D 115 -38.63 -29.01 -25.33
N CYS D 116 -38.64 -27.70 -25.37
CA CYS D 116 -39.89 -27.04 -25.08
C CYS D 116 -40.06 -26.01 -26.16
N HIS D 117 -40.27 -26.52 -27.39
CA HIS D 117 -40.40 -25.70 -28.58
C HIS D 117 -39.27 -24.67 -28.65
N GLY D 118 -38.11 -25.10 -28.13
CA GLY D 118 -36.88 -24.28 -28.12
C GLY D 118 -36.89 -23.10 -27.18
N SER D 119 -37.91 -23.02 -26.31
CA SER D 119 -37.99 -22.00 -25.27
C SER D 119 -37.09 -22.29 -24.08
N ALA D 120 -36.13 -21.41 -23.92
CA ALA D 120 -35.15 -21.49 -22.82
C ALA D 120 -35.84 -21.30 -21.42
N THR D 121 -36.81 -20.38 -21.39
CA THR D 121 -37.64 -20.10 -20.23
C THR D 121 -38.30 -21.38 -19.72
N LEU D 122 -38.87 -22.18 -20.64
CA LEU D 122 -39.67 -23.34 -20.18
C LEU D 122 -38.78 -24.51 -19.87
N ILE D 123 -37.71 -24.66 -20.60
CA ILE D 123 -36.69 -25.64 -20.22
C ILE D 123 -36.21 -25.39 -18.81
N ALA D 124 -35.94 -24.12 -18.48
CA ALA D 124 -35.51 -23.76 -17.14
C ALA D 124 -36.57 -24.16 -16.09
N GLN D 125 -37.81 -23.83 -16.36
CA GLN D 125 -38.94 -24.16 -15.50
C GLN D 125 -39.06 -25.67 -15.32
N GLU D 126 -39.06 -26.38 -16.42
CA GLU D 126 -39.10 -27.84 -16.37
C GLU D 126 -37.95 -28.44 -15.56
N ILE D 127 -36.75 -27.87 -15.69
CA ILE D 127 -35.59 -28.38 -14.94
C ILE D 127 -35.76 -28.10 -13.46
N ARG D 128 -36.23 -26.91 -13.09
CA ARG D 128 -36.45 -26.62 -11.65
C ARG D 128 -37.49 -27.55 -10.98
N GLN D 129 -38.64 -27.74 -11.65
CA GLN D 129 -39.61 -28.77 -11.30
C GLN D 129 -38.84 -30.02 -11.66
N THR D 130 -39.10 -31.16 -11.06
CA THR D 130 -38.27 -32.36 -11.44
C THR D 130 -36.94 -32.39 -10.76
N ILE D 131 -36.26 -31.27 -10.63
CA ILE D 131 -35.26 -31.22 -9.59
C ILE D 131 -36.05 -31.24 -8.28
N PHE D 132 -37.10 -30.43 -8.21
CA PHE D 132 -38.00 -30.46 -7.06
C PHE D 132 -38.73 -31.82 -6.86
N ASN D 133 -39.32 -32.37 -7.91
CA ASN D 133 -39.76 -33.77 -7.82
C ASN D 133 -38.42 -34.44 -7.95
N GLU D 134 -38.24 -35.63 -7.42
CA GLU D 134 -36.94 -36.32 -7.62
C GLU D 134 -35.93 -36.00 -6.54
N LEU D 135 -35.67 -34.74 -6.21
CA LEU D 135 -34.70 -34.49 -5.11
C LEU D 135 -35.31 -33.84 -3.91
N GLN D 136 -36.36 -33.05 -4.15
CA GLN D 136 -37.09 -32.35 -3.11
C GLN D 136 -36.22 -31.21 -2.58
N LEU D 137 -35.50 -30.61 -3.52
CA LEU D 137 -34.69 -29.43 -3.26
C LEU D 137 -35.10 -28.46 -4.31
N THR D 138 -34.93 -27.18 -4.04
CA THR D 138 -35.36 -26.20 -5.02
C THR D 138 -34.15 -25.54 -5.65
N ALA D 139 -34.36 -25.02 -6.85
CA ALA D 139 -33.35 -24.39 -7.61
C ALA D 139 -33.91 -23.12 -8.21
N SER D 140 -33.05 -22.19 -8.52
CA SER D 140 -33.38 -20.94 -9.16
C SER D 140 -32.62 -20.99 -10.50
N ALA D 141 -33.08 -20.26 -11.50
CA ALA D 141 -32.38 -20.24 -12.76
C ALA D 141 -32.38 -18.84 -13.36
N GLY D 142 -31.44 -18.56 -14.25
CA GLY D 142 -31.25 -17.26 -14.92
C GLY D 142 -31.13 -17.63 -16.37
N VAL D 143 -31.89 -16.97 -17.27
CA VAL D 143 -31.78 -17.19 -18.71
C VAL D 143 -31.31 -15.92 -19.42
N ALA D 144 -30.37 -16.01 -20.34
CA ALA D 144 -29.83 -14.80 -20.92
C ALA D 144 -29.06 -15.21 -22.17
N PRO D 145 -28.51 -14.24 -22.92
CA PRO D 145 -27.86 -14.63 -24.14
C PRO D 145 -26.40 -15.00 -23.88
N VAL D 146 -25.89 -14.66 -22.70
CA VAL D 146 -24.46 -14.95 -22.39
C VAL D 146 -24.33 -15.43 -20.93
N LYS D 147 -23.19 -16.05 -20.59
CA LYS D 147 -22.92 -16.59 -19.24
C LYS D 147 -23.17 -15.64 -18.11
N PHE D 148 -22.47 -14.50 -18.07
CA PHE D 148 -22.48 -13.74 -16.83
C PHE D 148 -23.87 -13.21 -16.52
N LEU D 149 -24.61 -12.77 -17.56
CA LEU D 149 -25.98 -12.32 -17.43
C LEU D 149 -26.88 -13.44 -16.94
N ALA D 150 -26.75 -14.66 -17.47
CA ALA D 150 -27.58 -15.76 -16.94
C ALA D 150 -27.31 -15.98 -15.45
N LYS D 151 -26.04 -15.88 -15.02
CA LYS D 151 -25.67 -16.12 -13.64
C LYS D 151 -26.19 -14.99 -12.76
N ILE D 152 -26.11 -13.75 -13.25
CA ILE D 152 -26.70 -12.66 -12.51
C ILE D 152 -28.24 -12.82 -12.42
N ALA D 153 -28.85 -13.09 -13.58
CA ALA D 153 -30.26 -13.40 -13.61
C ALA D 153 -30.73 -14.44 -12.55
N SER D 154 -29.93 -15.46 -12.26
CA SER D 154 -30.48 -16.48 -11.38
C SER D 154 -30.56 -15.98 -9.93
N ASP D 155 -29.95 -14.83 -9.65
CA ASP D 155 -30.15 -14.20 -8.36
C ASP D 155 -31.41 -13.34 -8.20
N MET D 156 -32.04 -12.96 -9.31
CA MET D 156 -33.13 -12.00 -9.27
C MET D 156 -34.42 -12.46 -8.58
N ASN D 157 -34.76 -13.73 -8.66
CA ASN D 157 -35.96 -14.25 -8.10
C ASN D 157 -35.56 -15.48 -7.36
N LYS D 158 -34.61 -15.38 -6.44
CA LYS D 158 -34.31 -16.55 -5.63
C LYS D 158 -34.93 -16.32 -4.22
N PRO D 159 -35.32 -17.39 -3.51
CA PRO D 159 -35.09 -18.78 -3.84
C PRO D 159 -36.23 -19.26 -4.70
N ASN D 160 -36.01 -20.40 -5.36
CA ASN D 160 -37.06 -21.07 -6.11
C ASN D 160 -37.82 -20.15 -7.08
N GLY D 161 -37.10 -19.61 -8.04
CA GLY D 161 -37.71 -18.74 -9.04
C GLY D 161 -36.70 -18.62 -10.14
N GLN D 162 -37.01 -17.84 -11.15
CA GLN D 162 -36.12 -17.70 -12.31
C GLN D 162 -36.38 -16.35 -12.99
N PHE D 163 -35.44 -15.91 -13.81
CA PHE D 163 -35.51 -14.61 -14.42
C PHE D 163 -34.87 -14.70 -15.81
N VAL D 164 -35.48 -14.03 -16.77
CA VAL D 164 -35.12 -14.13 -18.16
C VAL D 164 -34.71 -12.76 -18.70
N ILE D 165 -33.52 -12.64 -19.30
CA ILE D 165 -33.09 -11.43 -19.95
C ILE D 165 -33.01 -11.68 -21.44
N THR D 166 -33.85 -11.00 -22.22
CA THR D 166 -33.73 -11.04 -23.70
C THR D 166 -32.71 -10.02 -24.22
N PRO D 167 -32.29 -10.18 -25.50
CA PRO D 167 -31.35 -9.24 -26.09
C PRO D 167 -31.84 -7.82 -25.99
N ALA D 168 -33.13 -7.62 -26.15
CA ALA D 168 -33.70 -6.27 -26.13
C ALA D 168 -33.64 -5.62 -24.76
N GLU D 169 -33.80 -6.42 -23.69
CA GLU D 169 -33.70 -5.88 -22.34
C GLU D 169 -32.27 -5.71 -21.82
N VAL D 170 -31.27 -6.11 -22.59
CA VAL D 170 -29.90 -6.17 -22.04
C VAL D 170 -29.36 -4.78 -21.68
N PRO D 171 -29.48 -3.80 -22.56
CA PRO D 171 -28.89 -2.43 -22.29
C PRO D 171 -29.48 -1.67 -21.08
N ALA D 172 -30.80 -1.82 -20.89
CA ALA D 172 -31.48 -1.30 -19.68
C ALA D 172 -31.01 -2.05 -18.44
N PHE D 173 -30.83 -3.37 -18.54
CA PHE D 173 -30.32 -4.16 -17.44
C PHE D 173 -28.93 -3.72 -17.03
N LEU D 174 -28.11 -3.37 -18.00
CA LEU D 174 -26.74 -3.00 -17.74
C LEU D 174 -26.53 -1.60 -17.23
N GLN D 175 -27.41 -0.66 -17.59
CA GLN D 175 -27.18 0.74 -17.26
C GLN D 175 -26.85 0.99 -15.81
N THR D 176 -27.63 0.40 -14.91
CA THR D 176 -27.48 0.64 -13.49
C THR D 176 -26.96 -0.62 -12.81
N LEU D 177 -26.47 -1.58 -13.58
CA LEU D 177 -25.95 -2.82 -13.01
C LEU D 177 -24.57 -2.58 -12.34
N PRO D 178 -24.49 -2.81 -11.02
CA PRO D 178 -23.24 -2.55 -10.30
C PRO D 178 -22.16 -3.46 -10.77
N LEU D 179 -20.95 -2.95 -10.96
CA LEU D 179 -19.86 -3.80 -11.45
C LEU D 179 -19.57 -4.98 -10.55
N ALA D 180 -19.88 -4.83 -9.27
CA ALA D 180 -19.50 -5.85 -8.26
C ALA D 180 -20.33 -7.09 -8.44
N LYS D 181 -21.54 -6.92 -9.00
CA LYS D 181 -22.43 -8.04 -9.34
C LYS D 181 -21.84 -8.87 -10.48
N ILE D 182 -20.86 -8.32 -11.19
CA ILE D 182 -20.18 -9.09 -12.22
C ILE D 182 -19.24 -10.15 -11.63
N PRO D 183 -19.42 -11.45 -11.99
CA PRO D 183 -18.49 -12.55 -11.61
C PRO D 183 -17.03 -12.30 -12.01
N GLY D 184 -16.10 -12.26 -11.04
CA GLY D 184 -14.72 -11.88 -11.37
C GLY D 184 -14.41 -10.50 -10.83
N VAL D 185 -15.44 -9.70 -10.56
CA VAL D 185 -15.15 -8.40 -9.89
C VAL D 185 -15.47 -8.54 -8.39
N GLY D 186 -14.45 -8.76 -7.54
CA GLY D 186 -14.70 -8.92 -6.12
C GLY D 186 -14.47 -7.61 -5.39
N LYS D 187 -14.37 -7.71 -4.08
CA LYS D 187 -14.18 -6.56 -3.18
C LYS D 187 -13.02 -5.66 -3.56
N VAL D 188 -11.86 -6.26 -3.82
CA VAL D 188 -10.72 -5.45 -4.20
C VAL D 188 -10.94 -4.64 -5.46
N SER D 189 -11.22 -5.31 -6.59
CA SER D 189 -11.47 -4.61 -7.82
C SER D 189 -12.63 -3.65 -7.66
N ALA D 190 -13.67 -4.07 -6.95
CA ALA D 190 -14.79 -3.18 -6.81
C ALA D 190 -14.40 -1.85 -6.12
N ALA D 191 -13.60 -1.93 -5.04
CA ALA D 191 -13.13 -0.72 -4.33
C ALA D 191 -12.21 0.10 -5.24
N LYS D 192 -11.33 -0.53 -6.02
CA LYS D 192 -10.47 0.28 -6.90
C LYS D 192 -11.28 1.03 -7.93
N LEU D 193 -12.27 0.35 -8.50
CA LEU D 193 -13.11 0.92 -9.53
C LEU D 193 -13.95 2.08 -8.97
N GLU D 194 -14.54 1.87 -7.79
CA GLU D 194 -15.32 2.92 -7.10
C GLU D 194 -14.47 4.15 -6.78
N ALA D 195 -13.19 3.95 -6.51
CA ALA D 195 -12.35 5.07 -6.14
C ALA D 195 -12.00 5.92 -7.34
N MET D 196 -12.26 5.43 -8.55
CA MET D 196 -12.08 6.24 -9.73
C MET D 196 -13.44 6.66 -10.33
N GLY D 197 -14.50 6.57 -9.53
CA GLY D 197 -15.82 7.00 -9.99
C GLY D 197 -16.55 6.02 -10.86
N LEU D 198 -16.14 4.74 -10.81
CA LEU D 198 -16.75 3.68 -11.61
C LEU D 198 -17.53 2.67 -10.73
N ARG D 199 -18.86 2.69 -10.82
CA ARG D 199 -19.73 1.83 -9.99
C ARG D 199 -20.55 0.91 -10.83
N THR D 200 -20.98 1.35 -12.00
CA THR D 200 -21.92 0.53 -12.79
C THR D 200 -21.39 0.24 -14.18
N CYS D 201 -21.99 -0.73 -14.83
CA CYS D 201 -21.73 -0.97 -16.25
C CYS D 201 -21.92 0.32 -17.01
N GLY D 202 -23.05 0.99 -16.76
CA GLY D 202 -23.29 2.34 -17.26
C GLY D 202 -22.07 3.25 -17.19
N ASP D 203 -21.35 3.21 -16.07
CA ASP D 203 -20.21 4.09 -15.90
C ASP D 203 -19.03 3.70 -16.83
N VAL D 204 -18.81 2.39 -16.99
CA VAL D 204 -17.72 1.85 -17.79
C VAL D 204 -17.99 2.11 -19.27
N GLN D 205 -19.26 2.21 -19.63
CA GLN D 205 -19.57 2.31 -21.06
C GLN D 205 -19.06 3.62 -21.58
N ALA D 206 -18.97 4.61 -20.68
CA ALA D 206 -18.47 5.97 -20.97
C ALA D 206 -16.93 6.07 -20.89
N CYS D 207 -16.22 4.93 -20.82
CA CYS D 207 -14.75 4.87 -20.61
C CYS D 207 -14.06 4.32 -21.83
N ASP D 208 -12.85 4.81 -22.08
CA ASP D 208 -12.07 4.31 -23.20
C ASP D 208 -11.42 2.96 -22.91
N LEU D 209 -11.58 2.01 -23.83
CA LEU D 209 -10.96 0.69 -23.69
C LEU D 209 -9.44 0.74 -23.50
N VAL D 210 -8.79 1.70 -24.14
CA VAL D 210 -7.34 1.76 -24.07
C VAL D 210 -6.85 2.09 -22.65
N MET D 211 -7.55 3.00 -21.97
CA MET D 211 -7.18 3.40 -20.61
C MET D 211 -7.35 2.21 -19.70
N LEU D 212 -8.54 1.60 -19.80
CA LEU D 212 -8.84 0.38 -19.09
C LEU D 212 -7.81 -0.72 -19.30
N LEU D 213 -7.13 -0.73 -20.45
CA LEU D 213 -6.09 -1.73 -20.70
C LEU D 213 -4.77 -1.31 -20.08
N LYS D 214 -4.49 0.00 -20.05
CA LYS D 214 -3.31 0.53 -19.38
C LYS D 214 -3.38 0.08 -17.93
N ARG D 215 -4.54 0.33 -17.32
CA ARG D 215 -4.78 0.26 -15.88
C ARG D 215 -5.10 -1.11 -15.26
N PHE D 216 -5.73 -2.01 -15.99
CA PHE D 216 -6.05 -3.31 -15.41
C PHE D 216 -5.60 -4.41 -16.31
N GLY D 217 -5.01 -4.08 -17.47
CA GLY D 217 -4.67 -5.10 -18.45
C GLY D 217 -5.87 -5.95 -18.92
N LYS D 218 -5.67 -7.26 -18.97
CA LYS D 218 -6.63 -8.20 -19.52
C LYS D 218 -7.95 -8.06 -18.80
N PHE D 219 -7.87 -7.82 -17.50
CA PHE D 219 -9.06 -7.56 -16.75
C PHE D 219 -9.75 -6.26 -17.20
N GLY D 220 -9.00 -5.34 -17.79
CA GLY D 220 -9.58 -4.11 -18.25
C GLY D 220 -10.43 -4.38 -19.49
N ARG D 221 -9.98 -5.34 -20.31
CA ARG D 221 -10.73 -5.72 -21.54
C ARG D 221 -11.99 -6.40 -21.09
N ILE D 222 -11.87 -7.25 -20.08
CA ILE D 222 -13.04 -7.96 -19.59
C ILE D 222 -14.13 -7.02 -19.02
N LEU D 223 -13.67 -6.03 -18.29
CA LEU D 223 -14.56 -5.05 -17.72
C LEU D 223 -15.24 -4.29 -18.87
N TRP D 224 -14.51 -3.90 -19.90
CA TRP D 224 -15.14 -3.11 -20.96
C TRP D 224 -16.15 -4.03 -21.71
N GLU D 225 -15.80 -5.29 -21.94
CA GLU D 225 -16.69 -6.19 -22.67
C GLU D 225 -17.99 -6.44 -21.90
N ARG D 226 -17.86 -6.83 -20.63
CA ARG D 226 -19.04 -7.18 -19.80
C ARG D 226 -20.01 -5.99 -19.68
N SER D 227 -19.44 -4.82 -19.48
CA SER D 227 -20.21 -3.60 -19.46
C SER D 227 -21.04 -3.33 -20.71
N GLN D 228 -20.69 -3.91 -21.88
CA GLN D 228 -21.45 -3.72 -23.09
C GLN D 228 -22.35 -4.92 -23.18
N GLY D 229 -22.31 -5.84 -22.20
CA GLY D 229 -23.06 -7.11 -22.36
C GLY D 229 -22.36 -8.20 -23.19
N ILE D 230 -21.09 -7.95 -23.57
CA ILE D 230 -20.31 -8.88 -24.41
C ILE D 230 -19.63 -9.93 -23.55
N ASP D 231 -19.87 -11.20 -23.87
CA ASP D 231 -19.18 -12.27 -23.20
C ASP D 231 -19.31 -13.48 -24.07
N GLU D 232 -18.24 -13.77 -24.82
CA GLU D 232 -18.22 -14.81 -25.86
C GLU D 232 -17.78 -16.15 -25.29
N ARG D 233 -17.61 -16.23 -23.98
CA ARG D 233 -17.16 -17.48 -23.37
C ARG D 233 -18.20 -18.56 -23.64
N ASP D 234 -17.75 -19.66 -24.20
CA ASP D 234 -18.62 -20.72 -24.61
C ASP D 234 -18.82 -21.73 -23.47
N VAL D 235 -20.01 -22.32 -23.36
CA VAL D 235 -20.23 -23.33 -22.35
C VAL D 235 -19.31 -24.53 -22.62
N ASN D 236 -18.45 -24.81 -21.66
CA ASN D 236 -17.35 -25.71 -22.00
C ASN D 236 -17.69 -27.17 -21.90
N SER D 237 -17.92 -27.69 -20.71
CA SER D 237 -18.29 -29.12 -20.76
C SER D 237 -17.15 -30.15 -20.78
N GLU D 238 -15.96 -29.75 -21.24
CA GLU D 238 -14.78 -30.66 -21.22
C GLU D 238 -13.73 -30.32 -20.12
N ARG D 239 -14.05 -29.49 -19.15
CA ARG D 239 -13.08 -29.09 -18.19
C ARG D 239 -12.63 -30.20 -17.28
N LEU D 240 -11.34 -30.26 -17.01
CA LEU D 240 -10.75 -31.24 -16.10
C LEU D 240 -10.09 -30.55 -14.95
N ARG D 241 -10.17 -31.21 -13.81
CA ARG D 241 -9.48 -30.78 -12.62
C ARG D 241 -8.00 -30.74 -12.91
N LYS D 242 -7.32 -29.66 -12.51
CA LYS D 242 -5.88 -29.51 -12.71
C LYS D 242 -4.99 -29.72 -11.51
N SER D 243 -5.54 -29.73 -10.29
CA SER D 243 -4.74 -29.79 -9.10
C SER D 243 -5.57 -30.45 -8.04
N VAL D 244 -4.96 -30.87 -6.94
CA VAL D 244 -5.67 -31.34 -5.71
C VAL D 244 -4.93 -30.95 -4.45
N GLY D 245 -5.65 -30.33 -3.54
CA GLY D 245 -5.07 -29.82 -2.36
C GLY D 245 -5.78 -30.31 -1.13
N VAL D 246 -5.00 -30.52 -0.05
CA VAL D 246 -5.54 -30.86 1.24
C VAL D 246 -4.91 -29.93 2.20
N GLU D 247 -5.70 -29.19 2.94
CA GLU D 247 -5.10 -28.31 3.93
C GLU D 247 -6.00 -28.26 5.10
N ARG D 248 -5.44 -27.89 6.23
CA ARG D 248 -6.20 -27.83 7.48
C ARG D 248 -5.75 -26.65 8.29
N THR D 249 -6.71 -25.91 8.84
CA THR D 249 -6.47 -24.85 9.84
C THR D 249 -6.70 -25.41 11.26
N MET D 250 -5.71 -25.32 12.13
CA MET D 250 -5.84 -25.89 13.50
C MET D 250 -6.55 -24.97 14.47
N ALA D 251 -7.14 -25.55 15.50
CA ALA D 251 -7.85 -24.77 16.50
C ALA D 251 -6.91 -23.81 17.21
N GLU D 252 -5.65 -24.18 17.37
CA GLU D 252 -4.60 -23.34 18.00
C GLU D 252 -3.46 -23.15 17.01
N ASP D 253 -2.83 -22.00 17.03
CA ASP D 253 -1.65 -21.85 16.21
C ASP D 253 -0.61 -22.90 16.64
N ILE D 254 0.25 -23.22 15.69
CA ILE D 254 1.30 -24.20 15.90
C ILE D 254 2.63 -23.48 15.97
N HIS D 255 3.57 -24.03 16.77
CA HIS D 255 4.75 -23.27 17.16
C HIS D 255 6.04 -24.08 17.05
N HIS D 256 5.88 -25.37 16.76
CA HIS D 256 7.03 -26.25 16.81
C HIS D 256 6.94 -27.13 15.60
N TRP D 257 8.11 -27.33 14.98
CA TRP D 257 8.17 -28.24 13.89
C TRP D 257 7.54 -29.63 14.26
N SER D 258 7.79 -30.14 15.47
CA SER D 258 7.18 -31.45 15.79
C SER D 258 5.67 -31.43 15.47
N GLU D 259 5.01 -30.30 15.73
CA GLU D 259 3.59 -30.13 15.54
C GLU D 259 3.21 -30.07 14.03
N CYS D 260 3.97 -29.29 13.26
CA CYS D 260 3.79 -29.16 11.85
C CYS D 260 3.91 -30.53 11.21
N GLU D 261 4.99 -31.19 11.51
CA GLU D 261 5.22 -32.48 10.97
C GLU D 261 4.10 -33.47 11.34
N ALA D 262 3.67 -33.45 12.60
CA ALA D 262 2.61 -34.39 13.01
C ALA D 262 1.36 -34.15 12.13
N ILE D 263 1.09 -32.87 11.83
CA ILE D 263 -0.09 -32.49 11.02
C ILE D 263 0.03 -33.00 9.58
N ILE D 264 1.21 -32.81 9.01
CA ILE D 264 1.45 -33.38 7.75
C ILE D 264 1.25 -34.91 7.74
N GLU D 265 1.69 -35.61 8.79
CA GLU D 265 1.52 -37.06 8.78
C GLU D 265 0.06 -37.37 8.56
N ARG D 266 -0.80 -36.49 9.09
CA ARG D 266 -2.20 -36.72 9.01
C ARG D 266 -2.77 -36.34 7.66
N LEU D 267 -2.21 -35.32 7.05
CA LEU D 267 -2.75 -34.81 5.82
C LEU D 267 -2.39 -35.74 4.70
N TYR D 268 -1.15 -36.23 4.67
CA TYR D 268 -0.68 -37.07 3.53
C TYR D 268 -1.61 -38.21 3.05
N PRO D 269 -2.03 -39.10 3.97
CA PRO D 269 -2.82 -40.23 3.46
C PRO D 269 -4.17 -39.72 2.81
N GLU D 270 -4.71 -38.60 3.31
CA GLU D 270 -5.88 -37.99 2.66
C GLU D 270 -5.60 -37.50 1.26
N LEU D 271 -4.47 -36.81 1.07
CA LEU D 271 -4.08 -36.41 -0.28
C LEU D 271 -3.81 -37.61 -1.19
N GLU D 272 -3.14 -38.65 -0.67
CA GLU D 272 -2.87 -39.85 -1.46
C GLU D 272 -4.21 -40.49 -1.91
N ARG D 273 -5.17 -40.60 -1.00
CA ARG D 273 -6.42 -41.20 -1.36
C ARG D 273 -7.20 -40.34 -2.38
N ARG D 274 -7.25 -39.03 -2.15
CA ARG D 274 -7.91 -38.11 -3.09
C ARG D 274 -7.25 -38.18 -4.53
N LEU D 275 -5.93 -38.26 -4.60
CA LEU D 275 -5.24 -38.29 -5.88
C LEU D 275 -5.37 -39.66 -6.52
N ALA D 276 -5.42 -40.72 -5.72
CA ALA D 276 -5.47 -42.07 -6.30
C ALA D 276 -6.83 -42.31 -7.05
N LYS D 277 -7.91 -41.65 -6.64
CA LYS D 277 -9.16 -41.68 -7.40
C LYS D 277 -9.04 -41.34 -8.89
N VAL D 278 -8.15 -40.41 -9.21
CA VAL D 278 -8.08 -39.81 -10.54
C VAL D 278 -6.80 -40.27 -11.25
N LYS D 279 -5.86 -40.83 -10.51
CA LYS D 279 -4.53 -41.15 -11.03
C LYS D 279 -3.93 -42.17 -10.09
N PRO D 280 -4.36 -43.44 -10.23
CA PRO D 280 -3.99 -44.59 -9.42
C PRO D 280 -2.49 -44.80 -9.23
N ASP D 281 -1.71 -44.43 -10.23
CA ASP D 281 -0.27 -44.65 -10.19
C ASP D 281 0.42 -43.51 -9.40
N LEU D 282 -0.36 -42.49 -9.07
CA LEU D 282 0.03 -41.34 -8.26
C LEU D 282 0.97 -40.43 -9.02
N LEU D 283 0.94 -40.50 -10.35
CA LEU D 283 1.95 -39.79 -11.13
C LEU D 283 1.44 -38.39 -11.33
N ILE D 284 2.30 -37.40 -11.12
CA ILE D 284 1.88 -35.97 -11.06
C ILE D 284 2.90 -35.06 -11.72
N ALA D 285 2.59 -33.78 -11.92
CA ALA D 285 3.60 -32.83 -12.44
C ALA D 285 4.42 -32.08 -11.36
N ARG D 286 3.76 -31.61 -10.30
CA ARG D 286 4.49 -30.92 -9.23
C ARG D 286 3.83 -31.25 -7.92
N GLN D 287 4.54 -31.05 -6.82
CA GLN D 287 3.97 -31.14 -5.47
C GLN D 287 4.56 -30.03 -4.56
N GLY D 288 3.88 -29.75 -3.47
CA GLY D 288 4.25 -28.60 -2.70
C GLY D 288 3.46 -28.50 -1.43
N VAL D 289 3.79 -27.44 -0.72
CA VAL D 289 3.26 -27.19 0.57
C VAL D 289 2.87 -25.74 0.66
N LYS D 290 2.05 -25.48 1.65
CA LYS D 290 1.56 -24.15 1.89
C LYS D 290 1.66 -23.93 3.40
N LEU D 291 2.05 -22.73 3.84
CA LEU D 291 1.90 -22.40 5.26
C LEU D 291 1.17 -21.10 5.38
N LYS D 292 0.28 -21.03 6.35
CA LYS D 292 -0.36 -19.73 6.62
C LYS D 292 -0.10 -19.36 8.07
N PHE D 293 0.40 -18.15 8.27
CA PHE D 293 0.78 -17.70 9.59
C PHE D 293 -0.36 -17.04 10.40
N ASP D 294 -0.09 -16.77 11.68
CA ASP D 294 -1.08 -16.17 12.60
C ASP D 294 -1.49 -14.74 12.28
N ASP D 295 -0.65 -14.01 11.51
CA ASP D 295 -1.00 -12.69 10.93
C ASP D 295 -1.57 -12.81 9.51
N PHE D 296 -1.74 -14.03 9.04
CA PHE D 296 -2.43 -14.25 7.77
C PHE D 296 -1.60 -14.07 6.49
N GLN D 297 -0.29 -13.84 6.58
CA GLN D 297 0.49 -14.03 5.35
C GLN D 297 0.47 -15.54 4.98
N GLN D 298 0.51 -15.84 3.70
CA GLN D 298 0.69 -17.24 3.34
C GLN D 298 1.76 -17.41 2.28
N THR D 299 2.46 -18.52 2.33
CA THR D 299 3.45 -18.81 1.31
C THR D 299 3.30 -20.25 0.88
N THR D 300 3.73 -20.51 -0.36
CA THR D 300 3.66 -21.80 -0.98
C THR D 300 5.03 -22.05 -1.55
N GLN D 301 5.46 -23.32 -1.40
CA GLN D 301 6.66 -23.84 -2.05
C GLN D 301 6.20 -25.08 -2.81
N GLU D 302 6.36 -25.01 -4.13
CA GLU D 302 5.92 -26.05 -5.06
C GLU D 302 7.06 -26.26 -6.06
N HIS D 303 7.31 -27.52 -6.43
CA HIS D 303 8.31 -27.82 -7.48
C HIS D 303 7.89 -29.02 -8.38
N VAL D 304 8.48 -29.11 -9.56
CA VAL D 304 8.46 -30.28 -10.44
C VAL D 304 8.87 -31.57 -9.68
N TRP D 305 8.00 -32.59 -9.79
CA TRP D 305 8.16 -33.83 -9.03
C TRP D 305 7.31 -34.95 -9.70
N PRO D 306 7.89 -36.15 -9.89
CA PRO D 306 7.14 -37.05 -10.76
C PRO D 306 6.00 -37.85 -10.10
N ARG D 307 5.96 -37.93 -8.77
CA ARG D 307 5.15 -38.90 -8.07
C ARG D 307 4.96 -38.50 -6.62
N LEU D 308 3.69 -38.50 -6.19
CA LEU D 308 3.36 -38.09 -4.83
C LEU D 308 4.35 -38.76 -3.91
N ASN D 309 5.06 -37.97 -3.09
CA ASN D 309 6.04 -38.49 -2.15
C ASN D 309 6.02 -37.77 -0.78
N LYS D 310 5.69 -38.49 0.31
CA LYS D 310 5.48 -37.88 1.66
C LYS D 310 6.74 -37.25 2.22
N ALA D 311 7.84 -37.97 2.10
CA ALA D 311 9.15 -37.47 2.59
C ALA D 311 9.58 -36.18 1.92
N ASP D 312 9.40 -36.09 0.60
CA ASP D 312 9.76 -34.85 -0.04
C ASP D 312 8.80 -33.72 0.47
N LEU D 313 7.55 -34.05 0.79
CA LEU D 313 6.66 -32.98 1.25
C LEU D 313 7.04 -32.54 2.66
N ILE D 314 7.39 -33.50 3.50
CA ILE D 314 7.95 -33.19 4.78
C ILE D 314 9.24 -32.32 4.66
N ALA D 315 10.15 -32.68 3.76
CA ALA D 315 11.40 -31.90 3.58
C ALA D 315 11.14 -30.45 3.21
N THR D 316 10.25 -30.26 2.28
CA THR D 316 9.89 -28.95 1.77
C THR D 316 9.23 -28.05 2.81
N ALA D 317 8.24 -28.62 3.51
CA ALA D 317 7.68 -27.95 4.71
C ALA D 317 8.75 -27.53 5.79
N ARG D 318 9.74 -28.39 6.03
CA ARG D 318 10.88 -28.03 6.90
C ARG D 318 11.66 -26.83 6.39
N LYS D 319 12.06 -26.83 5.11
CA LYS D 319 12.71 -25.64 4.55
C LYS D 319 11.84 -24.37 4.76
N THR D 320 10.58 -24.43 4.31
CA THR D 320 9.65 -23.31 4.34
C THR D 320 9.49 -22.89 5.78
N TRP D 321 9.30 -23.83 6.66
CA TRP D 321 9.17 -23.49 8.08
C TRP D 321 10.41 -22.81 8.66
N ASP D 322 11.60 -23.33 8.36
CA ASP D 322 12.84 -22.64 8.78
C ASP D 322 13.00 -21.30 8.08
N GLU D 323 12.84 -21.26 6.77
CA GLU D 323 13.20 -20.05 5.98
C GLU D 323 12.17 -18.93 5.94
N ARG D 324 10.96 -19.13 6.49
CA ARG D 324 9.90 -18.12 6.38
C ARG D 324 9.05 -17.90 7.65
N ARG D 325 9.06 -18.80 8.62
CA ARG D 325 8.23 -18.56 9.79
C ARG D 325 8.54 -17.27 10.62
N GLY D 326 9.82 -16.95 10.81
CA GLY D 326 10.28 -15.76 11.57
C GLY D 326 9.50 -15.66 12.86
N GLY D 327 9.62 -16.70 13.69
CA GLY D 327 8.92 -16.80 14.95
C GLY D 327 7.40 -16.76 15.05
N ARG D 328 6.69 -16.65 13.92
CA ARG D 328 5.26 -16.46 13.99
C ARG D 328 4.58 -17.78 14.30
N GLY D 329 3.40 -17.76 14.92
CA GLY D 329 2.52 -18.96 14.96
C GLY D 329 2.03 -19.37 13.57
N VAL D 330 1.78 -20.66 13.37
CA VAL D 330 1.24 -21.14 12.11
C VAL D 330 -0.20 -21.64 12.32
N ARG D 331 -1.13 -21.23 11.45
CA ARG D 331 -2.56 -21.53 11.68
C ARG D 331 -3.09 -22.62 10.70
N LEU D 332 -2.32 -22.82 9.62
CA LEU D 332 -2.73 -23.71 8.56
C LEU D 332 -1.58 -24.42 7.94
N VAL D 333 -1.73 -25.73 7.79
CA VAL D 333 -0.85 -26.55 6.96
C VAL D 333 -1.63 -27.15 5.77
N GLY D 334 -1.08 -27.06 4.55
CA GLY D 334 -1.57 -27.77 3.43
C GLY D 334 -0.52 -28.42 2.54
N LEU D 335 -0.95 -29.47 1.87
CA LEU D 335 -0.21 -30.12 0.85
C LEU D 335 -0.92 -29.92 -0.49
N HIS D 336 -0.17 -29.96 -1.57
CA HIS D 336 -0.73 -29.68 -2.85
C HIS D 336 0.00 -30.46 -3.95
N VAL D 337 -0.75 -30.77 -5.01
CA VAL D 337 -0.21 -31.49 -6.18
C VAL D 337 -0.72 -30.83 -7.45
N THR D 338 0.12 -30.59 -8.46
CA THR D 338 -0.40 -30.14 -9.73
C THR D 338 -0.39 -31.31 -10.64
N LEU D 339 -1.50 -31.50 -11.34
CA LEU D 339 -1.79 -32.74 -12.10
C LEU D 339 -1.10 -32.64 -13.45
N LEU D 340 -0.75 -33.78 -14.06
CA LEU D 340 -0.09 -33.78 -15.41
C LEU D 340 -1.00 -33.18 -16.49
N ASP D 341 -0.42 -32.53 -17.49
CA ASP D 341 -1.16 -31.69 -18.47
C ASP D 341 -2.37 -32.36 -19.13
N PRO D 342 -2.16 -33.49 -19.83
CA PRO D 342 -3.30 -33.86 -20.65
C PRO D 342 -4.34 -34.49 -19.76
#